data_2Y54
#
_entry.id   2Y54
#
_cell.length_a   216.420
_cell.length_b   216.420
_cell.length_c   216.420
_cell.angle_alpha   90.00
_cell.angle_beta   90.00
_cell.angle_gamma   90.00
#
_symmetry.space_group_name_H-M   'I 2 3'
#
loop_
_entity.id
_entity.type
_entity.pdbx_description
1 polymer 'SOLUBLE ACETYLCHOLINE RECEPTOR'
2 non-polymer '[(1R,5S)-8-AZABICYCLO[3.2.1]OCTAN-3-YL] BENZOATE'
3 non-polymer 'SULFATE ION'
4 non-polymer 'CHLORIDE ION'
#
_entity_poly.entity_id   1
_entity_poly.type   'polypeptide(L)'
_entity_poly.pdbx_seq_one_letter_code
;QANLMRLKSDLFNRSPMYPGPTKDDPLTVTLGFTLQDIVKVDSSTNEVDLVYYEQQRWKLNSLMWDPNEYGNITDFRTSA
ADIWTPDITAYSSTRPVQVLSPQIAVVTHDGSVMFIPAQRLSFMCDPTGVDSEEGVTCAVKFGSWVYSGFEIDLKTDTDQ
VDLSSYYASSKYEILSATQTRQVQHYSCCPEPYIDVNLVVKFRERRAGNGFFRNLFD
;
_entity_poly.pdbx_strand_id   A,B,C,D,E
#
loop_
_chem_comp.id
_chem_comp.type
_chem_comp.name
_chem_comp.formula
CL non-polymer 'CHLORIDE ION' 'Cl -1'
SO4 non-polymer 'SULFATE ION' 'O4 S -2'
V63 non-polymer '[(1R,5S)-8-AZABICYCLO[3.2.1]OCTAN-3-YL] BENZOATE' 'C14 H17 N O2'
#
# COMPACT_ATOMS: atom_id res chain seq x y z
N GLN A 1 -27.85 24.45 1.74
CA GLN A 1 -27.13 23.30 1.20
C GLN A 1 -26.53 23.60 -0.16
N ALA A 2 -27.31 24.30 -1.02
CA ALA A 2 -26.92 24.68 -2.37
C ALA A 2 -25.88 25.80 -2.35
N ASN A 3 -25.91 26.66 -1.32
CA ASN A 3 -25.00 27.79 -1.15
C ASN A 3 -23.56 27.31 -0.88
N LEU A 4 -23.40 26.21 -0.11
CA LEU A 4 -22.08 25.64 0.20
C LEU A 4 -21.48 24.98 -1.04
N MET A 5 -22.34 24.37 -1.89
CA MET A 5 -21.96 23.69 -3.11
C MET A 5 -21.39 24.67 -4.14
N ARG A 6 -22.05 25.85 -4.32
CA ARG A 6 -21.61 26.86 -5.28
C ARG A 6 -20.37 27.63 -4.78
N LEU A 7 -20.13 27.69 -3.46
CA LEU A 7 -18.96 28.35 -2.89
C LEU A 7 -17.70 27.54 -3.23
N LYS A 8 -17.77 26.20 -3.05
CA LYS A 8 -16.68 25.26 -3.32
C LYS A 8 -16.38 25.23 -4.83
N SER A 9 -17.43 25.29 -5.67
CA SER A 9 -17.31 25.31 -7.13
C SER A 9 -16.64 26.59 -7.64
N ASP A 10 -16.94 27.74 -7.00
CA ASP A 10 -16.37 29.04 -7.39
C ASP A 10 -14.91 29.17 -6.96
N LEU A 11 -14.53 28.54 -5.83
CA LEU A 11 -13.17 28.61 -5.31
C LEU A 11 -12.20 27.65 -5.98
N PHE A 12 -12.60 26.37 -6.15
CA PHE A 12 -11.72 25.34 -6.69
C PHE A 12 -11.88 25.06 -8.19
N ASN A 13 -13.11 24.75 -8.64
CA ASN A 13 -13.39 24.40 -10.03
C ASN A 13 -13.20 25.55 -11.03
N ARG A 14 -13.47 26.82 -10.61
CA ARG A 14 -13.36 27.99 -11.46
C ARG A 14 -11.92 28.53 -11.54
N SER A 15 -11.33 28.88 -10.38
CA SER A 15 -9.99 29.47 -10.27
C SER A 15 -8.88 28.39 -10.32
N PRO A 16 -7.69 28.67 -10.93
CA PRO A 16 -6.60 27.67 -10.92
C PRO A 16 -5.97 27.54 -9.54
N MET A 17 -5.50 26.32 -9.16
CA MET A 17 -4.92 26.06 -7.83
C MET A 17 -3.62 26.80 -7.59
N TYR A 18 -3.36 27.15 -6.31
CA TYR A 18 -2.19 27.86 -5.78
C TYR A 18 -0.89 27.10 -6.12
N PRO A 19 0.12 27.78 -6.72
CA PRO A 19 1.34 27.06 -7.12
C PRO A 19 2.47 27.12 -6.09
N GLY A 20 2.12 27.32 -4.82
CA GLY A 20 3.09 27.41 -3.74
C GLY A 20 3.63 28.81 -3.53
N PRO A 21 4.32 29.08 -2.40
CA PRO A 21 4.85 30.43 -2.18
C PRO A 21 6.15 30.71 -2.93
N THR A 22 6.35 32.00 -3.30
CA THR A 22 7.51 32.53 -4.01
C THR A 22 8.34 33.38 -3.06
N LYS A 23 9.54 33.82 -3.49
CA LYS A 23 10.41 34.72 -2.70
C LYS A 23 9.76 36.13 -2.67
N ASP A 24 8.90 36.42 -3.67
CA ASP A 24 8.16 37.67 -3.83
C ASP A 24 6.86 37.63 -3.03
N ASP A 25 6.28 36.42 -2.85
CA ASP A 25 5.04 36.21 -2.10
C ASP A 25 5.24 35.09 -1.05
N PRO A 26 5.97 35.35 0.06
CA PRO A 26 6.25 34.30 1.04
C PRO A 26 5.04 33.94 1.92
N LEU A 27 5.18 32.85 2.69
CA LEU A 27 4.16 32.33 3.60
C LEU A 27 4.72 32.04 5.00
N THR A 28 3.85 32.16 6.02
CA THR A 28 4.22 31.89 7.41
C THR A 28 3.24 30.85 7.97
N VAL A 29 3.79 29.69 8.37
CA VAL A 29 3.04 28.56 8.90
C VAL A 29 3.28 28.43 10.39
N THR A 30 2.20 28.46 11.19
CA THR A 30 2.24 28.32 12.65
C THR A 30 2.23 26.82 12.96
N LEU A 31 3.18 26.36 13.81
CA LEU A 31 3.30 24.94 14.18
C LEU A 31 3.15 24.71 15.69
N GLY A 32 2.49 23.60 16.04
CA GLY A 32 2.24 23.18 17.41
C GLY A 32 2.24 21.66 17.58
N PHE A 33 2.50 21.17 18.81
CA PHE A 33 2.56 19.73 19.08
C PHE A 33 1.81 19.32 20.34
N THR A 34 1.04 18.22 20.24
CA THR A 34 0.30 17.64 21.36
C THR A 34 0.77 16.20 21.54
N LEU A 35 1.65 15.97 22.55
CA LEU A 35 2.21 14.64 22.83
C LEU A 35 1.19 13.79 23.58
N GLN A 36 0.97 12.55 23.06
CA GLN A 36 0.01 11.58 23.59
C GLN A 36 0.69 10.39 24.26
N ASP A 37 1.78 9.84 23.66
CA ASP A 37 2.48 8.67 24.22
C ASP A 37 3.87 8.40 23.63
N ILE A 38 4.74 7.78 24.45
CA ILE A 38 6.05 7.22 24.11
C ILE A 38 5.78 5.72 24.19
N VAL A 39 5.40 5.15 23.06
CA VAL A 39 4.95 3.76 22.97
C VAL A 39 6.12 2.74 23.00
N LYS A 40 7.17 2.90 22.18
CA LYS A 40 8.27 1.93 22.14
C LYS A 40 9.65 2.60 22.22
N VAL A 41 10.63 1.88 22.80
CA VAL A 41 12.02 2.29 22.96
C VAL A 41 12.91 1.07 22.60
N ASP A 42 13.74 1.20 21.54
CA ASP A 42 14.62 0.11 21.11
C ASP A 42 16.08 0.48 21.37
N SER A 43 16.72 -0.28 22.28
CA SER A 43 18.10 -0.09 22.70
C SER A 43 19.10 -0.66 21.70
N SER A 44 18.73 -1.76 21.01
CA SER A 44 19.61 -2.45 20.07
C SER A 44 19.83 -1.67 18.75
N THR A 45 18.92 -0.75 18.38
CA THR A 45 19.03 0.03 17.14
C THR A 45 19.00 1.56 17.38
N ASN A 46 18.70 1.99 18.63
CA ASN A 46 18.60 3.38 19.07
C ASN A 46 17.53 4.15 18.27
N GLU A 47 16.28 3.65 18.31
CA GLU A 47 15.14 4.29 17.65
C GLU A 47 13.91 4.22 18.57
N VAL A 48 13.28 5.39 18.79
CA VAL A 48 12.14 5.58 19.68
C VAL A 48 10.89 6.01 18.87
N ASP A 49 9.71 5.47 19.27
CA ASP A 49 8.40 5.73 18.64
C ASP A 49 7.51 6.64 19.50
N LEU A 50 6.93 7.69 18.87
CA LEU A 50 6.03 8.67 19.50
C LEU A 50 4.67 8.72 18.82
N VAL A 51 3.60 8.94 19.61
CA VAL A 51 2.22 9.12 19.14
C VAL A 51 1.83 10.54 19.54
N TYR A 52 1.45 11.37 18.55
CA TYR A 52 1.13 12.79 18.72
C TYR A 52 0.29 13.33 17.56
N TYR A 53 -0.30 14.52 17.75
CA TYR A 53 -1.00 15.18 16.66
C TYR A 53 -0.49 16.61 16.54
N GLU A 54 -0.06 16.94 15.32
CA GLU A 54 0.54 18.20 14.91
C GLU A 54 -0.50 19.25 14.52
N GLN A 55 -0.18 20.53 14.74
CA GLN A 55 -1.06 21.65 14.37
C GLN A 55 -0.38 22.50 13.32
N GLN A 56 -1.11 22.85 12.25
CA GLN A 56 -0.57 23.70 11.20
C GLN A 56 -1.64 24.60 10.63
N ARG A 57 -1.38 25.92 10.66
CA ARG A 57 -2.30 26.91 10.15
C ARG A 57 -1.55 27.98 9.35
N TRP A 58 -2.14 28.37 8.22
CA TRP A 58 -1.65 29.36 7.28
C TRP A 58 -2.83 30.12 6.66
N LYS A 59 -2.57 31.27 6.02
CA LYS A 59 -3.61 32.10 5.39
C LYS A 59 -3.27 32.32 3.91
N LEU A 60 -4.32 32.30 3.07
CA LEU A 60 -4.21 32.51 1.62
C LEU A 60 -5.26 33.51 1.14
N ASN A 61 -4.85 34.49 0.31
CA ASN A 61 -5.74 35.51 -0.24
C ASN A 61 -6.71 34.91 -1.26
N SER A 62 -6.32 33.81 -1.92
CA SER A 62 -7.14 33.13 -2.91
C SER A 62 -8.36 32.44 -2.28
N LEU A 63 -8.24 32.01 -1.01
CA LEU A 63 -9.31 31.30 -0.29
C LEU A 63 -10.25 32.25 0.48
N MET A 64 -10.15 33.58 0.25
CA MET A 64 -11.00 34.57 0.90
C MET A 64 -12.36 34.67 0.21
N TRP A 65 -13.44 34.93 0.98
CA TRP A 65 -14.79 35.09 0.44
C TRP A 65 -15.67 35.96 1.35
N ASP A 66 -16.75 36.53 0.79
CA ASP A 66 -17.74 37.34 1.51
C ASP A 66 -18.87 36.43 1.98
N PRO A 67 -19.13 36.34 3.30
CA PRO A 67 -20.19 35.44 3.81
C PRO A 67 -21.61 35.82 3.37
N ASN A 68 -21.93 37.13 3.26
CA ASN A 68 -23.25 37.63 2.87
C ASN A 68 -23.66 37.20 1.45
N GLU A 69 -22.67 37.08 0.53
CA GLU A 69 -22.90 36.68 -0.86
C GLU A 69 -23.21 35.20 -1.00
N TYR A 70 -22.81 34.37 -0.01
CA TYR A 70 -23.00 32.93 -0.05
C TYR A 70 -23.91 32.41 1.10
N GLY A 71 -24.80 33.26 1.59
CA GLY A 71 -25.76 32.91 2.64
C GLY A 71 -25.19 32.68 4.03
N ASN A 72 -24.49 33.70 4.57
CA ASN A 72 -23.88 33.76 5.91
C ASN A 72 -22.97 32.55 6.25
N ILE A 73 -22.19 32.03 5.28
CA ILE A 73 -21.26 30.94 5.53
C ILE A 73 -19.93 31.56 6.00
N THR A 74 -19.52 31.22 7.23
CA THR A 74 -18.29 31.71 7.86
C THR A 74 -17.11 30.77 7.62
N ASP A 75 -17.37 29.44 7.65
CA ASP A 75 -16.35 28.40 7.47
C ASP A 75 -16.94 27.12 6.86
N PHE A 76 -16.07 26.17 6.46
CA PHE A 76 -16.45 24.86 5.90
C PHE A 76 -15.29 23.85 5.94
N ARG A 77 -15.62 22.56 6.06
CA ARG A 77 -14.66 21.45 6.06
C ARG A 77 -14.49 20.93 4.64
N THR A 78 -13.23 20.62 4.24
CA THR A 78 -12.93 20.10 2.89
C THR A 78 -11.74 19.13 2.93
N SER A 79 -11.66 18.24 1.92
CA SER A 79 -10.57 17.26 1.80
C SER A 79 -9.24 17.98 1.59
N ALA A 80 -8.17 17.41 2.15
CA ALA A 80 -6.82 17.95 2.06
C ALA A 80 -6.28 17.95 0.60
N ALA A 81 -6.89 17.15 -0.28
CA ALA A 81 -6.52 17.04 -1.69
C ALA A 81 -6.95 18.28 -2.48
N ASP A 82 -8.05 18.92 -2.05
CA ASP A 82 -8.64 20.10 -2.71
C ASP A 82 -7.81 21.37 -2.53
N ILE A 83 -6.95 21.43 -1.50
CA ILE A 83 -6.14 22.63 -1.21
C ILE A 83 -4.64 22.32 -1.12
N TRP A 84 -3.80 23.38 -1.18
CA TRP A 84 -2.35 23.28 -1.03
C TRP A 84 -2.01 23.09 0.45
N THR A 85 -0.98 22.27 0.74
CA THR A 85 -0.53 21.97 2.10
C THR A 85 1.01 22.05 2.18
N PRO A 86 1.56 22.60 3.29
CA PRO A 86 3.04 22.71 3.39
C PRO A 86 3.73 21.35 3.52
N ASP A 87 5.00 21.27 3.06
CA ASP A 87 5.80 20.04 3.06
C ASP A 87 6.68 19.88 4.34
N ILE A 88 6.04 19.99 5.52
CA ILE A 88 6.71 19.84 6.83
C ILE A 88 7.16 18.37 6.99
N THR A 89 8.48 18.16 7.21
CA THR A 89 9.08 16.83 7.33
C THR A 89 10.01 16.71 8.54
N ALA A 90 9.99 15.53 9.20
CA ALA A 90 10.87 15.20 10.31
C ALA A 90 12.20 14.72 9.72
N TYR A 91 13.30 15.36 10.14
CA TYR A 91 14.61 15.08 9.56
C TYR A 91 15.28 13.80 10.09
N SER A 92 15.27 13.55 11.41
CA SER A 92 15.92 12.37 12.01
C SER A 92 15.06 11.07 12.00
N SER A 93 14.05 10.96 11.09
CA SER A 93 13.17 9.80 10.95
C SER A 93 13.92 8.56 10.43
N THR A 94 13.53 7.35 10.89
CA THR A 94 14.16 6.09 10.45
C THR A 94 13.22 5.29 9.53
N ARG A 95 11.89 5.39 9.74
CA ARG A 95 10.86 4.71 8.96
C ARG A 95 9.70 5.67 8.62
N PRO A 96 8.98 5.47 7.49
CA PRO A 96 7.91 6.42 7.10
C PRO A 96 6.84 6.64 8.18
N VAL A 97 6.35 7.88 8.26
CA VAL A 97 5.33 8.31 9.23
C VAL A 97 3.97 7.66 8.92
N GLN A 98 3.31 7.14 9.97
CA GLN A 98 2.00 6.51 9.87
C GLN A 98 0.91 7.53 10.25
N VAL A 99 -0.08 7.75 9.37
CA VAL A 99 -1.18 8.69 9.61
C VAL A 99 -2.28 7.96 10.39
N LEU A 100 -2.79 8.62 11.46
CA LEU A 100 -3.82 8.06 12.34
C LEU A 100 -5.13 8.89 12.37
N SER A 101 -5.22 9.94 11.53
CA SER A 101 -6.39 10.83 11.44
C SER A 101 -6.89 11.02 9.98
N PRO A 102 -8.19 11.41 9.75
CA PRO A 102 -8.65 11.65 8.37
C PRO A 102 -7.96 12.84 7.70
N GLN A 103 -7.93 12.83 6.35
CA GLN A 103 -7.29 13.86 5.53
C GLN A 103 -8.30 14.99 5.20
N ILE A 104 -8.74 15.72 6.25
CA ILE A 104 -9.71 16.82 6.13
C ILE A 104 -9.17 18.06 6.87
N ALA A 105 -9.42 19.26 6.31
CA ALA A 105 -9.03 20.55 6.88
C ALA A 105 -10.26 21.46 6.92
N VAL A 106 -10.19 22.57 7.69
CA VAL A 106 -11.29 23.52 7.78
C VAL A 106 -10.80 24.94 7.39
N VAL A 107 -11.50 25.55 6.40
CA VAL A 107 -11.19 26.86 5.83
C VAL A 107 -12.20 27.90 6.33
N THR A 108 -11.72 29.12 6.65
CA THR A 108 -12.53 30.26 7.12
C THR A 108 -12.54 31.38 6.06
N HIS A 109 -13.59 32.23 6.07
CA HIS A 109 -13.84 33.32 5.11
C HIS A 109 -12.67 34.31 4.95
N ASP A 110 -11.78 34.43 5.96
CA ASP A 110 -10.62 35.32 5.90
C ASP A 110 -9.46 34.66 5.13
N GLY A 111 -9.66 33.42 4.69
CA GLY A 111 -8.69 32.64 3.92
C GLY A 111 -7.74 31.82 4.77
N SER A 112 -8.02 31.68 6.08
CA SER A 112 -7.20 30.92 7.02
C SER A 112 -7.57 29.43 7.02
N VAL A 113 -6.55 28.55 6.83
CA VAL A 113 -6.70 27.09 6.78
C VAL A 113 -6.20 26.46 8.09
N MET A 114 -6.88 25.40 8.57
CA MET A 114 -6.53 24.67 9.81
C MET A 114 -6.43 23.19 9.52
N PHE A 115 -5.24 22.59 9.74
CA PHE A 115 -4.99 21.17 9.50
C PHE A 115 -4.33 20.51 10.71
N ILE A 116 -4.95 19.42 11.22
CA ILE A 116 -4.46 18.73 12.41
C ILE A 116 -4.27 17.20 12.12
N PRO A 117 -3.05 16.81 11.65
CA PRO A 117 -2.80 15.38 11.38
C PRO A 117 -2.22 14.59 12.58
N ALA A 118 -2.83 13.41 12.89
CA ALA A 118 -2.35 12.51 13.95
C ALA A 118 -1.31 11.56 13.36
N GLN A 119 -0.16 11.41 14.03
CA GLN A 119 0.96 10.63 13.50
C GLN A 119 1.65 9.72 14.52
N ARG A 120 2.33 8.67 14.00
CA ARG A 120 3.19 7.73 14.74
C ARG A 120 4.56 7.77 14.06
N LEU A 121 5.54 8.45 14.69
CA LEU A 121 6.87 8.64 14.13
C LEU A 121 7.95 7.85 14.85
N SER A 122 8.83 7.20 14.05
CA SER A 122 10.00 6.51 14.58
C SER A 122 11.24 7.29 14.13
N PHE A 123 12.03 7.75 15.11
CA PHE A 123 13.19 8.60 14.88
C PHE A 123 14.44 8.13 15.64
N MET A 124 15.62 8.72 15.31
CA MET A 124 16.92 8.42 15.92
C MET A 124 17.00 9.02 17.31
N CYS A 125 17.19 8.14 18.33
CA CYS A 125 17.26 8.52 19.75
C CYS A 125 18.01 7.44 20.57
N ASP A 126 19.09 7.81 21.26
CA ASP A 126 19.84 6.89 22.12
C ASP A 126 19.19 6.89 23.52
N PRO A 127 18.62 5.75 23.97
CA PRO A 127 17.87 5.76 25.24
C PRO A 127 18.68 5.29 26.45
N THR A 128 20.02 5.38 26.39
CA THR A 128 20.92 4.97 27.46
C THR A 128 20.66 5.87 28.69
N GLY A 129 20.24 5.24 29.78
CA GLY A 129 19.94 5.90 31.05
C GLY A 129 18.50 6.34 31.23
N VAL A 130 17.54 5.57 30.67
CA VAL A 130 16.11 5.87 30.80
C VAL A 130 15.59 5.34 32.16
N ASP A 131 16.21 4.24 32.64
CA ASP A 131 15.89 3.56 33.90
C ASP A 131 16.25 4.41 35.15
N SER A 132 17.24 5.32 35.02
CA SER A 132 17.72 6.21 36.09
C SER A 132 16.67 7.26 36.47
N GLU A 133 16.84 7.88 37.66
CA GLU A 133 15.96 8.92 38.19
C GLU A 133 16.10 10.24 37.41
N GLU A 134 17.27 10.45 36.78
CA GLU A 134 17.60 11.65 35.99
C GLU A 134 16.90 11.61 34.63
N GLY A 135 16.80 10.42 34.04
CA GLY A 135 16.19 10.19 32.75
C GLY A 135 17.12 10.38 31.57
N VAL A 136 16.55 10.43 30.36
CA VAL A 136 17.29 10.60 29.09
C VAL A 136 16.56 11.67 28.23
N THR A 137 17.33 12.45 27.46
CA THR A 137 16.79 13.52 26.60
C THR A 137 17.02 13.20 25.12
N CYS A 138 16.01 13.49 24.27
CA CYS A 138 16.06 13.26 22.82
C CYS A 138 15.33 14.38 22.07
N ALA A 139 15.75 14.63 20.81
CA ALA A 139 15.17 15.69 19.97
C ALA A 139 14.96 15.26 18.52
N VAL A 140 14.03 15.95 17.83
CA VAL A 140 13.69 15.74 16.42
C VAL A 140 13.23 17.09 15.82
N LYS A 141 13.88 17.51 14.71
CA LYS A 141 13.60 18.75 14.01
C LYS A 141 12.50 18.56 12.96
N PHE A 142 11.59 19.53 12.82
CA PHE A 142 10.49 19.51 11.84
C PHE A 142 10.52 20.78 10.98
N GLY A 143 10.40 20.62 9.65
CA GLY A 143 10.42 21.74 8.73
C GLY A 143 10.30 21.35 7.27
N SER A 144 10.17 22.37 6.37
CA SER A 144 10.04 22.17 4.92
C SER A 144 11.30 21.50 4.32
N TRP A 145 11.10 20.58 3.37
CA TRP A 145 12.17 19.87 2.71
C TRP A 145 12.68 20.62 1.47
N VAL A 146 11.78 21.27 0.71
CA VAL A 146 12.14 21.97 -0.53
C VAL A 146 12.19 23.51 -0.39
N TYR A 147 11.25 24.13 0.34
CA TYR A 147 11.21 25.59 0.48
C TYR A 147 12.18 26.08 1.54
N SER A 148 12.90 27.18 1.23
CA SER A 148 13.90 27.81 2.09
C SER A 148 13.26 28.77 3.09
N GLY A 149 14.06 29.72 3.57
CA GLY A 149 13.62 30.75 4.50
C GLY A 149 12.88 31.87 3.80
N PHE A 150 13.31 32.20 2.57
CA PHE A 150 12.75 33.28 1.74
C PHE A 150 11.33 32.98 1.23
N GLU A 151 10.94 31.70 1.23
CA GLU A 151 9.63 31.28 0.76
C GLU A 151 8.72 30.91 1.94
N ILE A 152 9.19 30.06 2.87
CA ILE A 152 8.40 29.63 4.04
C ILE A 152 9.13 29.98 5.33
N ASP A 153 8.41 30.65 6.25
CA ASP A 153 8.86 31.01 7.60
C ASP A 153 7.96 30.30 8.60
N LEU A 154 8.53 29.73 9.68
CA LEU A 154 7.76 29.01 10.69
C LEU A 154 7.72 29.77 12.01
N LYS A 155 6.59 29.69 12.74
CA LYS A 155 6.45 30.33 14.04
C LYS A 155 5.67 29.44 15.01
N THR A 156 5.88 29.62 16.32
CA THR A 156 5.20 28.83 17.36
C THR A 156 4.48 29.80 18.31
N ASP A 157 3.22 29.46 18.67
CA ASP A 157 2.39 30.28 19.57
C ASP A 157 2.94 30.24 21.01
N THR A 158 3.44 29.07 21.44
CA THR A 158 4.05 28.85 22.76
C THR A 158 5.26 27.92 22.61
N ASP A 159 6.21 27.99 23.56
CA ASP A 159 7.40 27.14 23.52
C ASP A 159 7.21 25.86 24.34
N GLN A 160 6.07 25.75 25.04
CA GLN A 160 5.74 24.58 25.85
C GLN A 160 4.79 23.64 25.09
N VAL A 161 5.16 22.35 24.98
CA VAL A 161 4.40 21.30 24.29
C VAL A 161 3.16 20.93 25.16
N ASP A 162 1.99 20.69 24.50
CA ASP A 162 0.76 20.34 25.21
C ASP A 162 0.80 18.87 25.67
N LEU A 163 0.87 18.66 26.99
CA LEU A 163 0.93 17.34 27.61
C LEU A 163 -0.37 17.02 28.38
N SER A 164 -1.43 17.84 28.18
CA SER A 164 -2.74 17.67 28.82
C SER A 164 -3.46 16.42 28.32
N SER A 165 -3.05 15.89 27.16
CA SER A 165 -3.63 14.71 26.54
C SER A 165 -2.69 13.50 26.61
N TYR A 166 -1.57 13.59 27.38
CA TYR A 166 -0.61 12.50 27.53
C TYR A 166 -1.20 11.32 28.34
N TYR A 167 -0.91 10.08 27.88
CA TYR A 167 -1.38 8.81 28.46
C TYR A 167 -0.81 8.58 29.86
N ALA A 168 -1.71 8.53 30.86
CA ALA A 168 -1.42 8.35 32.27
C ALA A 168 -0.68 7.04 32.60
N SER A 169 -1.18 5.90 32.08
CA SER A 169 -0.61 4.58 32.36
C SER A 169 0.52 4.18 31.37
N SER A 170 1.22 5.16 30.76
CA SER A 170 2.34 4.92 29.84
C SER A 170 3.54 4.31 30.57
N LYS A 171 4.40 3.58 29.84
CA LYS A 171 5.60 2.94 30.40
C LYS A 171 6.68 3.99 30.76
N TYR A 172 6.58 5.21 30.16
CA TYR A 172 7.53 6.31 30.36
C TYR A 172 6.81 7.61 30.71
N GLU A 173 7.30 8.31 31.77
CA GLU A 173 6.74 9.59 32.22
C GLU A 173 7.60 10.76 31.71
N ILE A 174 6.93 11.85 31.27
CA ILE A 174 7.59 13.05 30.74
C ILE A 174 8.06 13.95 31.88
N LEU A 175 9.30 14.45 31.76
CA LEU A 175 9.92 15.35 32.72
C LEU A 175 9.89 16.78 32.19
N SER A 176 10.07 16.96 30.85
CA SER A 176 10.02 18.24 30.14
C SER A 176 9.85 18.03 28.63
N ALA A 177 9.03 18.88 27.99
CA ALA A 177 8.78 18.85 26.55
C ALA A 177 8.64 20.28 26.01
N THR A 178 9.54 20.68 25.08
CA THR A 178 9.60 22.02 24.49
C THR A 178 9.69 22.03 22.96
N GLN A 179 9.02 23.04 22.35
CA GLN A 179 8.96 23.29 20.91
C GLN A 179 9.59 24.68 20.64
N THR A 180 10.80 24.69 20.07
CA THR A 180 11.54 25.93 19.82
C THR A 180 11.96 26.11 18.34
N ARG A 181 11.82 27.35 17.83
CA ARG A 181 12.15 27.75 16.46
C ARG A 181 13.68 27.88 16.26
N GLN A 182 14.21 27.30 15.17
CA GLN A 182 15.65 27.32 14.82
C GLN A 182 15.86 27.72 13.36
N VAL A 183 17.03 28.33 13.05
CA VAL A 183 17.43 28.69 11.69
C VAL A 183 18.72 27.93 11.41
N GLN A 184 18.61 26.93 10.53
CA GLN A 184 19.73 26.04 10.17
C GLN A 184 20.44 26.49 8.90
N HIS A 185 21.76 26.23 8.85
CA HIS A 185 22.63 26.54 7.73
C HIS A 185 23.29 25.25 7.30
N TYR A 186 22.90 24.71 6.13
CA TYR A 186 23.43 23.44 5.64
C TYR A 186 24.58 23.68 4.67
N SER A 187 25.53 22.72 4.62
CA SER A 187 26.75 22.76 3.79
C SER A 187 26.43 22.73 2.28
N CYS A 188 25.28 22.12 1.90
CA CYS A 188 24.76 21.97 0.55
C CYS A 188 24.45 23.30 -0.11
N CYS A 189 23.70 24.11 0.64
CA CYS A 189 22.96 25.26 0.22
C CYS A 189 23.25 26.53 1.03
N PRO A 190 23.53 27.65 0.31
CA PRO A 190 23.76 28.93 1.00
C PRO A 190 22.49 29.48 1.67
N GLU A 191 21.31 29.08 1.14
CA GLU A 191 19.99 29.49 1.62
C GLU A 191 19.73 28.95 3.03
N PRO A 192 19.23 29.78 3.97
CA PRO A 192 18.93 29.25 5.31
C PRO A 192 17.55 28.58 5.35
N TYR A 193 17.44 27.50 6.13
CA TYR A 193 16.21 26.75 6.29
C TYR A 193 15.77 26.77 7.75
N ILE A 194 14.48 27.09 7.98
CA ILE A 194 13.85 27.20 9.31
C ILE A 194 13.16 25.88 9.68
N ASP A 195 13.27 25.51 10.97
CA ASP A 195 12.70 24.30 11.56
C ASP A 195 12.25 24.53 13.00
N VAL A 196 11.47 23.58 13.52
CA VAL A 196 11.00 23.61 14.91
C VAL A 196 11.60 22.39 15.59
N ASN A 197 12.45 22.61 16.60
CA ASN A 197 13.06 21.50 17.33
C ASN A 197 12.15 21.04 18.47
N LEU A 198 11.80 19.74 18.46
CA LEU A 198 10.96 19.11 19.48
C LEU A 198 11.85 18.32 20.45
N VAL A 199 12.05 18.87 21.67
CA VAL A 199 12.96 18.27 22.67
C VAL A 199 12.15 17.68 23.83
N VAL A 200 12.35 16.38 24.09
CA VAL A 200 11.63 15.63 25.14
C VAL A 200 12.62 14.95 26.11
N LYS A 201 12.39 15.16 27.42
CA LYS A 201 13.13 14.53 28.52
C LYS A 201 12.16 13.59 29.21
N PHE A 202 12.48 12.29 29.20
CA PHE A 202 11.60 11.27 29.76
C PHE A 202 12.40 10.27 30.62
N ARG A 203 11.65 9.52 31.45
CA ARG A 203 12.17 8.53 32.38
C ARG A 203 11.18 7.34 32.44
N GLU A 204 11.71 6.15 32.72
CA GLU A 204 10.95 4.91 32.88
C GLU A 204 10.03 5.00 34.11
N ARG A 205 8.93 4.20 34.12
CA ARG A 205 7.89 4.12 35.16
C ARG A 205 7.04 5.38 35.15
N GLN B 1 1.89 36.33 -8.61
CA GLN B 1 1.17 35.08 -8.34
C GLN B 1 0.62 34.45 -9.62
N ALA B 2 0.05 35.31 -10.50
CA ALA B 2 -0.56 34.92 -11.77
C ALA B 2 0.52 34.55 -12.79
N ASN B 3 1.71 35.16 -12.69
CA ASN B 3 2.84 34.93 -13.58
C ASN B 3 3.38 33.51 -13.44
N LEU B 4 3.42 32.97 -12.19
CA LEU B 4 3.90 31.62 -11.93
C LEU B 4 2.91 30.58 -12.44
N MET B 5 1.60 30.89 -12.36
CA MET B 5 0.52 30.04 -12.80
C MET B 5 0.55 29.83 -14.32
N ARG B 6 0.77 30.92 -15.09
CA ARG B 6 0.81 30.86 -16.55
C ARG B 6 2.11 30.23 -17.07
N LEU B 7 3.21 30.29 -16.29
CA LEU B 7 4.49 29.67 -16.67
C LEU B 7 4.35 28.13 -16.64
N LYS B 8 3.73 27.60 -15.57
CA LYS B 8 3.50 26.17 -15.38
C LYS B 8 2.52 25.64 -16.43
N SER B 9 1.49 26.44 -16.78
CA SER B 9 0.48 26.09 -17.79
C SER B 9 1.11 26.03 -19.20
N ASP B 10 2.05 26.95 -19.51
CA ASP B 10 2.72 27.00 -20.80
C ASP B 10 3.73 25.87 -20.99
N LEU B 11 4.37 25.43 -19.89
CA LEU B 11 5.39 24.37 -19.93
C LEU B 11 4.79 22.97 -19.95
N PHE B 12 3.82 22.69 -19.06
CA PHE B 12 3.25 21.35 -18.92
C PHE B 12 1.94 21.11 -19.68
N ASN B 13 0.92 21.95 -19.47
CA ASN B 13 -0.40 21.80 -20.09
C ASN B 13 -0.41 22.02 -21.60
N ARG B 14 0.46 22.91 -22.13
CA ARG B 14 0.51 23.22 -23.57
C ARG B 14 1.37 22.21 -24.36
N SER B 15 2.65 22.05 -23.96
CA SER B 15 3.61 21.17 -24.64
C SER B 15 3.48 19.70 -24.18
N PRO B 16 3.66 18.67 -25.08
CA PRO B 16 3.57 17.26 -24.63
C PRO B 16 4.79 16.86 -23.80
N MET B 17 4.61 15.94 -22.83
CA MET B 17 5.67 15.52 -21.92
C MET B 17 6.82 14.78 -22.61
N TYR B 18 8.04 14.96 -22.06
CA TYR B 18 9.32 14.40 -22.48
C TYR B 18 9.24 12.86 -22.52
N PRO B 19 9.63 12.21 -23.64
CA PRO B 19 9.50 10.74 -23.72
C PRO B 19 10.79 9.98 -23.34
N GLY B 20 11.65 10.61 -22.56
CA GLY B 20 12.92 10.02 -22.14
C GLY B 20 14.04 10.27 -23.12
N PRO B 21 15.31 10.03 -22.73
CA PRO B 21 16.42 10.31 -23.65
C PRO B 21 16.64 9.21 -24.70
N THR B 22 17.14 9.63 -25.88
CA THR B 22 17.47 8.80 -27.03
C THR B 22 18.99 8.72 -27.18
N LYS B 23 19.49 7.85 -28.07
CA LYS B 23 20.91 7.74 -28.37
C LYS B 23 21.36 8.98 -29.16
N ASP B 24 20.39 9.65 -29.83
CA ASP B 24 20.57 10.88 -30.61
C ASP B 24 20.51 12.11 -29.71
N ASP B 25 19.73 12.04 -28.60
CA ASP B 25 19.57 13.12 -27.62
C ASP B 25 19.84 12.60 -26.20
N PRO B 26 21.13 12.43 -25.82
CA PRO B 26 21.46 11.87 -24.50
C PRO B 26 21.27 12.85 -23.32
N LEU B 27 21.44 12.32 -22.10
CA LEU B 27 21.32 13.03 -20.83
C LEU B 27 22.38 12.59 -19.84
N THR B 28 22.86 13.51 -18.99
CA THR B 28 23.86 13.19 -17.96
C THR B 28 23.30 13.59 -16.59
N VAL B 29 23.22 12.62 -15.67
CA VAL B 29 22.68 12.82 -14.32
C VAL B 29 23.83 12.79 -13.28
N THR B 30 23.96 13.90 -12.52
CA THR B 30 24.95 14.09 -11.46
C THR B 30 24.40 13.47 -10.18
N LEU B 31 25.16 12.58 -9.54
CA LEU B 31 24.72 11.91 -8.33
C LEU B 31 25.56 12.27 -7.12
N GLY B 32 24.95 12.14 -5.93
CA GLY B 32 25.57 12.44 -4.65
C GLY B 32 24.90 11.74 -3.48
N PHE B 33 25.66 11.47 -2.40
CA PHE B 33 25.12 10.78 -1.23
C PHE B 33 25.48 11.45 0.09
N THR B 34 24.47 11.59 0.96
CA THR B 34 24.62 12.14 2.30
C THR B 34 24.19 11.07 3.31
N LEU B 35 25.16 10.36 3.92
CA LEU B 35 24.90 9.28 4.89
C LEU B 35 24.51 9.88 6.25
N GLN B 36 23.38 9.37 6.80
CA GLN B 36 22.79 9.80 8.07
C GLN B 36 22.95 8.75 9.18
N ASP B 37 22.72 7.44 8.87
CA ASP B 37 22.81 6.39 9.89
C ASP B 37 22.89 4.96 9.30
N ILE B 38 23.54 4.05 10.07
CA ILE B 38 23.60 2.60 9.90
C ILE B 38 22.74 2.10 11.05
N VAL B 39 21.44 1.95 10.78
CA VAL B 39 20.43 1.64 11.78
C VAL B 39 20.44 0.14 12.20
N LYS B 40 20.44 -0.82 11.26
CA LYS B 40 20.39 -2.25 11.61
C LYS B 40 21.46 -3.07 10.86
N VAL B 41 21.93 -4.16 11.51
CA VAL B 41 22.91 -5.12 10.98
C VAL B 41 22.42 -6.53 11.34
N ASP B 42 22.14 -7.37 10.31
CA ASP B 42 21.67 -8.75 10.55
C ASP B 42 22.72 -9.76 10.11
N SER B 43 23.26 -10.52 11.07
CA SER B 43 24.30 -11.51 10.87
C SER B 43 23.77 -12.83 10.32
N SER B 44 22.53 -13.20 10.69
CA SER B 44 21.89 -14.46 10.29
C SER B 44 21.45 -14.49 8.81
N THR B 45 21.27 -13.31 8.17
CA THR B 45 20.84 -13.23 6.76
C THR B 45 21.79 -12.40 5.89
N ASN B 46 22.78 -11.71 6.52
CA ASN B 46 23.78 -10.85 5.88
C ASN B 46 23.12 -9.69 5.09
N GLU B 47 22.32 -8.88 5.78
CA GLU B 47 21.66 -7.72 5.20
C GLU B 47 21.70 -6.53 6.18
N VAL B 48 22.19 -5.37 5.68
CA VAL B 48 22.40 -4.14 6.45
C VAL B 48 21.48 -3.02 5.93
N ASP B 49 20.93 -2.21 6.86
CA ASP B 49 20.02 -1.10 6.59
C ASP B 49 20.70 0.27 6.78
N LEU B 50 20.53 1.17 5.78
CA LEU B 50 21.09 2.53 5.77
C LEU B 50 20.00 3.58 5.62
N VAL B 51 20.18 4.74 6.28
CA VAL B 51 19.32 5.92 6.19
C VAL B 51 20.18 7.04 5.58
N TYR B 52 19.74 7.58 4.43
CA TYR B 52 20.49 8.57 3.66
C TYR B 52 19.58 9.35 2.73
N TYR B 53 20.09 10.48 2.17
CA TYR B 53 19.36 11.21 1.15
C TYR B 53 20.30 11.44 -0.03
N GLU B 54 19.87 10.90 -1.17
CA GLU B 54 20.52 10.89 -2.47
C GLU B 54 20.29 12.22 -3.21
N GLN B 55 21.23 12.62 -4.06
CA GLN B 55 21.11 13.86 -4.86
C GLN B 55 21.11 13.50 -6.32
N GLN B 56 20.21 14.09 -7.10
CA GLN B 56 20.19 13.85 -8.55
C GLN B 56 19.75 15.12 -9.28
N ARG B 57 20.59 15.56 -10.24
CA ARG B 57 20.31 16.75 -11.06
C ARG B 57 20.64 16.48 -12.52
N TRP B 58 19.77 16.98 -13.41
CA TRP B 58 19.84 16.87 -14.86
C TRP B 58 19.31 18.16 -15.51
N LYS B 59 19.58 18.37 -16.82
CA LYS B 59 19.12 19.55 -17.56
C LYS B 59 18.31 19.11 -18.79
N LEU B 60 17.23 19.85 -19.08
CA LEU B 60 16.34 19.63 -20.21
C LEU B 60 16.09 20.93 -20.98
N ASN B 61 16.20 20.88 -22.32
CA ASN B 61 15.98 22.05 -23.17
C ASN B 61 14.50 22.45 -23.21
N SER B 62 13.59 21.48 -22.98
CA SER B 62 12.15 21.71 -22.96
C SER B 62 11.71 22.55 -21.75
N LEU B 63 12.44 22.46 -20.63
CA LEU B 63 12.12 23.18 -19.39
C LEU B 63 12.79 24.56 -19.29
N MET B 64 13.38 25.05 -20.40
CA MET B 64 14.02 26.38 -20.45
C MET B 64 12.99 27.47 -20.64
N TRP B 65 13.22 28.65 -20.03
CA TRP B 65 12.33 29.82 -20.16
C TRP B 65 13.09 31.14 -19.94
N ASP B 66 12.50 32.25 -20.45
CA ASP B 66 13.04 33.60 -20.28
C ASP B 66 12.39 34.24 -19.04
N PRO B 67 13.19 34.66 -18.03
CA PRO B 67 12.61 35.22 -16.81
C PRO B 67 11.88 36.56 -17.01
N ASN B 68 12.37 37.43 -17.93
CA ASN B 68 11.78 38.75 -18.20
C ASN B 68 10.35 38.65 -18.76
N GLU B 69 10.05 37.59 -19.52
CA GLU B 69 8.73 37.36 -20.13
C GLU B 69 7.69 36.92 -19.10
N TYR B 70 8.14 36.33 -17.97
CA TYR B 70 7.25 35.82 -16.94
C TYR B 70 7.41 36.55 -15.58
N GLY B 71 7.83 37.81 -15.62
CA GLY B 71 7.98 38.65 -14.43
C GLY B 71 9.11 38.29 -13.49
N ASN B 72 10.35 38.25 -14.01
CA ASN B 72 11.62 37.98 -13.31
C ASN B 72 11.63 36.69 -12.46
N ILE B 73 10.98 35.60 -12.94
CA ILE B 73 10.96 34.32 -12.23
C ILE B 73 12.21 33.53 -12.68
N THR B 74 13.09 33.22 -11.72
CA THR B 74 14.35 32.49 -11.94
C THR B 74 14.17 30.99 -11.74
N ASP B 75 13.37 30.58 -10.72
CA ASP B 75 13.12 29.18 -10.38
C ASP B 75 11.73 28.98 -9.73
N PHE B 76 11.30 27.70 -9.57
CA PHE B 76 10.03 27.31 -8.94
C PHE B 76 10.02 25.83 -8.51
N ARG B 77 9.28 25.52 -7.44
CA ARG B 77 9.11 24.15 -6.92
C ARG B 77 7.87 23.51 -7.56
N THR B 78 7.97 22.21 -7.92
CA THR B 78 6.86 21.48 -8.54
C THR B 78 6.88 20.00 -8.15
N SER B 79 5.71 19.34 -8.22
CA SER B 79 5.58 17.91 -7.91
C SER B 79 6.38 17.07 -8.88
N ALA B 80 6.93 15.96 -8.39
CA ALA B 80 7.74 15.02 -9.17
C ALA B 80 6.91 14.31 -10.27
N ALA B 81 5.58 14.34 -10.15
CA ALA B 81 4.65 13.74 -11.12
C ALA B 81 4.56 14.57 -12.40
N ASP B 82 4.74 15.90 -12.28
CA ASP B 82 4.65 16.86 -13.38
C ASP B 82 5.82 16.77 -14.37
N ILE B 83 6.97 16.20 -13.94
CA ILE B 83 8.18 16.10 -14.78
C ILE B 83 8.72 14.67 -14.87
N TRP B 84 9.61 14.44 -15.85
CA TRP B 84 10.29 13.16 -16.05
C TRP B 84 11.40 13.03 -15.03
N THR B 85 11.62 11.80 -14.52
CA THR B 85 12.65 11.50 -13.52
C THR B 85 13.45 10.24 -13.91
N PRO B 86 14.79 10.23 -13.69
CA PRO B 86 15.61 9.05 -14.07
C PRO B 86 15.33 7.82 -13.21
N ASP B 87 15.53 6.62 -13.80
CA ASP B 87 15.26 5.32 -13.16
C ASP B 87 16.51 4.75 -12.43
N ILE B 88 17.12 5.55 -11.54
CA ILE B 88 18.28 5.14 -10.74
C ILE B 88 17.84 4.06 -9.73
N THR B 89 18.47 2.88 -9.78
CA THR B 89 18.13 1.72 -8.94
C THR B 89 19.36 1.09 -8.28
N ALA B 90 19.18 0.65 -7.01
CA ALA B 90 20.22 -0.06 -6.27
C ALA B 90 20.17 -1.52 -6.68
N TYR B 91 21.31 -2.06 -7.12
CA TYR B 91 21.39 -3.42 -7.65
C TYR B 91 21.40 -4.52 -6.55
N SER B 92 22.20 -4.36 -5.47
CA SER B 92 22.32 -5.38 -4.41
C SER B 92 21.23 -5.28 -3.30
N SER B 93 20.06 -4.66 -3.59
CA SER B 93 18.93 -4.51 -2.66
C SER B 93 18.26 -5.84 -2.33
N THR B 94 17.73 -5.99 -1.08
CA THR B 94 17.04 -7.22 -0.67
C THR B 94 15.52 -7.01 -0.53
N ARG B 95 15.10 -5.78 -0.15
CA ARG B 95 13.69 -5.41 0.04
C ARG B 95 13.42 -4.02 -0.58
N PRO B 96 12.15 -3.71 -0.97
CA PRO B 96 11.86 -2.38 -1.57
C PRO B 96 12.25 -1.17 -0.70
N VAL B 97 12.75 -0.11 -1.37
CA VAL B 97 13.21 1.14 -0.76
C VAL B 97 12.05 1.91 -0.19
N GLN B 98 12.21 2.42 1.04
CA GLN B 98 11.21 3.23 1.74
C GLN B 98 11.55 4.72 1.56
N VAL B 99 10.59 5.51 1.05
CA VAL B 99 10.78 6.96 0.83
C VAL B 99 10.44 7.70 2.14
N LEU B 100 11.32 8.62 2.57
CA LEU B 100 11.18 9.36 3.81
C LEU B 100 11.08 10.90 3.59
N SER B 101 11.00 11.36 2.31
CA SER B 101 10.90 12.78 1.96
C SER B 101 9.74 13.06 0.97
N PRO B 102 9.20 14.32 0.90
CA PRO B 102 8.14 14.60 -0.09
C PRO B 102 8.60 14.48 -1.55
N GLN B 103 7.63 14.23 -2.45
CA GLN B 103 7.86 14.06 -3.89
C GLN B 103 7.78 15.42 -4.62
N ILE B 104 8.74 16.32 -4.32
CA ILE B 104 8.84 17.66 -4.91
C ILE B 104 10.26 17.89 -5.42
N ALA B 105 10.39 18.60 -6.56
CA ALA B 105 11.65 18.98 -7.18
C ALA B 105 11.65 20.49 -7.48
N VAL B 106 12.82 21.09 -7.76
CA VAL B 106 12.90 22.52 -8.07
C VAL B 106 13.59 22.70 -9.45
N VAL B 107 12.89 23.43 -10.35
CA VAL B 107 13.33 23.71 -11.73
C VAL B 107 13.81 25.17 -11.87
N THR B 108 14.91 25.38 -12.61
CA THR B 108 15.52 26.69 -12.88
C THR B 108 15.35 27.05 -14.37
N HIS B 109 15.36 28.37 -14.69
CA HIS B 109 15.15 28.94 -16.03
C HIS B 109 16.08 28.36 -17.13
N ASP B 110 17.26 27.83 -16.75
CA ASP B 110 18.20 27.22 -17.70
C ASP B 110 17.78 25.78 -18.05
N GLY B 111 16.70 25.30 -17.43
CA GLY B 111 16.16 23.96 -17.64
C GLY B 111 16.73 22.89 -16.75
N SER B 112 17.48 23.29 -15.69
CA SER B 112 18.11 22.38 -14.74
C SER B 112 17.14 21.99 -13.60
N VAL B 113 16.99 20.66 -13.37
CA VAL B 113 16.10 20.09 -12.35
C VAL B 113 16.92 19.56 -11.17
N MET B 114 16.40 19.73 -9.93
CA MET B 114 17.05 19.30 -8.69
C MET B 114 16.10 18.45 -7.86
N PHE B 115 16.46 17.17 -7.62
CA PHE B 115 15.64 16.23 -6.84
C PHE B 115 16.47 15.56 -5.75
N ILE B 116 15.99 15.65 -4.50
CA ILE B 116 16.70 15.10 -3.35
C ILE B 116 15.79 14.12 -2.53
N PRO B 117 15.78 12.81 -2.89
CA PRO B 117 14.93 11.86 -2.15
C PRO B 117 15.61 11.20 -0.95
N ALA B 118 14.94 11.22 0.23
CA ALA B 118 15.40 10.56 1.46
C ALA B 118 14.94 9.10 1.45
N GLN B 119 15.85 8.16 1.73
CA GLN B 119 15.56 6.73 1.62
C GLN B 119 16.10 5.87 2.77
N ARG B 120 15.48 4.70 2.97
CA ARG B 120 15.90 3.64 3.89
C ARG B 120 16.05 2.37 3.05
N LEU B 121 17.31 1.99 2.76
CA LEU B 121 17.63 0.85 1.89
C LEU B 121 18.23 -0.34 2.66
N SER B 122 17.71 -1.55 2.35
CA SER B 122 18.20 -2.82 2.90
C SER B 122 18.91 -3.57 1.76
N PHE B 123 20.26 -3.76 1.88
CA PHE B 123 21.11 -4.37 0.85
C PHE B 123 21.97 -5.54 1.36
N MET B 124 22.58 -6.30 0.43
CA MET B 124 23.45 -7.44 0.71
C MET B 124 24.81 -6.97 1.23
N CYS B 125 25.15 -7.38 2.48
CA CYS B 125 26.39 -7.01 3.17
C CYS B 125 26.71 -8.04 4.27
N ASP B 126 27.92 -8.66 4.20
CA ASP B 126 28.38 -9.60 5.22
C ASP B 126 29.08 -8.81 6.34
N PRO B 127 28.52 -8.81 7.57
CA PRO B 127 29.08 -7.96 8.63
C PRO B 127 30.06 -8.67 9.57
N THR B 128 30.68 -9.76 9.11
CA THR B 128 31.64 -10.54 9.89
C THR B 128 32.86 -9.66 10.19
N GLY B 129 33.08 -9.43 11.48
CA GLY B 129 34.20 -8.63 11.99
C GLY B 129 33.91 -7.17 12.27
N VAL B 130 32.64 -6.81 12.54
CA VAL B 130 32.22 -5.44 12.81
C VAL B 130 32.65 -5.04 14.23
N ASP B 131 32.73 -6.03 15.15
CA ASP B 131 33.15 -5.84 16.53
C ASP B 131 34.69 -5.67 16.66
N SER B 132 35.44 -5.94 15.56
CA SER B 132 36.90 -5.81 15.52
C SER B 132 37.30 -4.35 15.35
N GLU B 133 38.51 -3.99 15.81
CA GLU B 133 39.04 -2.63 15.72
C GLU B 133 39.28 -2.18 14.27
N GLU B 134 39.49 -3.15 13.37
CA GLU B 134 39.74 -2.92 11.94
C GLU B 134 38.42 -2.57 11.22
N GLY B 135 37.33 -3.15 11.70
CA GLY B 135 36.00 -2.95 11.12
C GLY B 135 35.72 -3.86 9.95
N VAL B 136 34.57 -3.64 9.28
CA VAL B 136 34.12 -4.40 8.11
C VAL B 136 33.75 -3.41 6.98
N THR B 137 33.99 -3.81 5.71
CA THR B 137 33.71 -2.97 4.53
C THR B 137 32.60 -3.59 3.68
N CYS B 138 31.68 -2.73 3.16
CA CYS B 138 30.56 -3.13 2.31
C CYS B 138 30.30 -2.11 1.21
N ALA B 139 29.74 -2.57 0.07
CA ALA B 139 29.46 -1.72 -1.09
C ALA B 139 28.08 -2.02 -1.73
N VAL B 140 27.51 -1.02 -2.44
CA VAL B 140 26.22 -1.07 -3.14
C VAL B 140 26.32 -0.17 -4.42
N LYS B 141 25.69 -0.62 -5.53
CA LYS B 141 25.74 0.10 -6.81
C LYS B 141 24.39 0.75 -7.15
N PHE B 142 24.45 2.00 -7.67
CA PHE B 142 23.31 2.80 -8.09
C PHE B 142 23.42 3.16 -9.56
N GLY B 143 22.35 3.00 -10.33
CA GLY B 143 22.34 3.32 -11.75
C GLY B 143 21.02 3.03 -12.44
N SER B 144 20.89 3.41 -13.73
CA SER B 144 19.68 3.15 -14.50
C SER B 144 19.50 1.66 -14.77
N TRP B 145 18.24 1.18 -14.72
CA TRP B 145 17.89 -0.22 -14.95
C TRP B 145 17.65 -0.50 -16.44
N VAL B 146 16.98 0.45 -17.14
CA VAL B 146 16.59 0.27 -18.54
C VAL B 146 17.50 1.00 -19.54
N TYR B 147 17.71 2.34 -19.44
CA TYR B 147 18.56 3.09 -20.38
C TYR B 147 20.03 2.79 -20.14
N SER B 148 20.80 2.65 -21.22
CA SER B 148 22.24 2.35 -21.17
C SER B 148 23.08 3.63 -21.14
N GLY B 149 24.38 3.49 -21.40
CA GLY B 149 25.34 4.59 -21.42
C GLY B 149 25.10 5.63 -22.49
N PHE B 150 24.68 5.18 -23.69
CA PHE B 150 24.41 6.03 -24.87
C PHE B 150 23.16 6.91 -24.68
N GLU B 151 22.29 6.59 -23.69
CA GLU B 151 21.07 7.36 -23.37
C GLU B 151 21.31 8.21 -22.10
N ILE B 152 21.64 7.56 -20.95
CA ILE B 152 21.93 8.24 -19.68
C ILE B 152 23.37 7.94 -19.25
N ASP B 153 24.09 8.98 -18.81
CA ASP B 153 25.43 8.87 -18.28
C ASP B 153 25.39 9.41 -16.84
N LEU B 154 26.34 8.99 -16.01
CA LEU B 154 26.40 9.44 -14.62
C LEU B 154 27.74 10.06 -14.30
N LYS B 155 27.73 11.11 -13.46
CA LYS B 155 28.94 11.79 -13.00
C LYS B 155 28.80 12.19 -11.53
N THR B 156 29.93 12.32 -10.83
CA THR B 156 29.94 12.71 -9.41
C THR B 156 30.79 13.97 -9.24
N ASP B 157 30.29 14.95 -8.46
CA ASP B 157 30.99 16.21 -8.22
C ASP B 157 32.24 16.00 -7.33
N THR B 158 32.15 15.06 -6.36
CA THR B 158 33.24 14.69 -5.45
C THR B 158 33.20 13.17 -5.23
N ASP B 159 34.35 12.58 -4.86
CA ASP B 159 34.42 11.15 -4.60
C ASP B 159 34.23 10.82 -3.11
N GLN B 160 34.13 11.87 -2.27
CA GLN B 160 33.95 11.72 -0.83
C GLN B 160 32.48 11.93 -0.46
N VAL B 161 31.89 10.96 0.26
CA VAL B 161 30.50 10.95 0.74
C VAL B 161 30.36 11.96 1.89
N ASP B 162 29.24 12.73 1.91
CA ASP B 162 29.00 13.74 2.96
C ASP B 162 28.54 13.07 4.26
N LEU B 163 29.42 13.12 5.29
CA LEU B 163 29.17 12.53 6.61
C LEU B 163 28.96 13.62 7.68
N SER B 164 28.82 14.90 7.25
CA SER B 164 28.60 16.04 8.13
C SER B 164 27.22 15.96 8.83
N SER B 165 26.30 15.14 8.30
CA SER B 165 24.95 14.98 8.82
C SER B 165 24.76 13.58 9.48
N TYR B 166 25.86 12.81 9.66
CA TYR B 166 25.80 11.48 10.26
C TYR B 166 25.46 11.56 11.77
N TYR B 167 24.60 10.62 12.24
CA TYR B 167 24.11 10.51 13.62
C TYR B 167 25.26 10.16 14.58
N ALA B 168 25.53 11.09 15.51
CA ALA B 168 26.60 11.02 16.50
C ALA B 168 26.47 9.82 17.45
N SER B 169 25.27 9.59 18.02
CA SER B 169 25.04 8.51 18.99
C SER B 169 24.64 7.17 18.32
N SER B 170 25.05 6.94 17.04
CA SER B 170 24.77 5.69 16.32
C SER B 170 25.51 4.50 16.93
N LYS B 171 24.97 3.27 16.73
CA LYS B 171 25.56 2.02 17.23
C LYS B 171 26.85 1.65 16.47
N TYR B 172 27.04 2.23 15.25
CA TYR B 172 28.20 1.98 14.39
C TYR B 172 28.83 3.28 13.93
N GLU B 173 30.17 3.39 14.05
CA GLU B 173 30.94 4.57 13.63
C GLU B 173 31.61 4.35 12.27
N ILE B 174 31.57 5.38 11.40
CA ILE B 174 32.14 5.32 10.04
C ILE B 174 33.64 5.57 10.09
N LEU B 175 34.39 4.75 9.35
CA LEU B 175 35.83 4.85 9.24
C LEU B 175 36.21 5.50 7.89
N SER B 176 35.43 5.19 6.82
CA SER B 176 35.61 5.75 5.46
C SER B 176 34.36 5.52 4.60
N ALA B 177 34.01 6.51 3.76
CA ALA B 177 32.87 6.44 2.86
C ALA B 177 33.17 7.17 1.54
N THR B 178 33.14 6.43 0.40
CA THR B 178 33.44 6.95 -0.95
C THR B 178 32.38 6.58 -2.02
N GLN B 179 32.17 7.53 -2.96
CA GLN B 179 31.25 7.42 -4.10
C GLN B 179 32.07 7.54 -5.41
N THR B 180 32.24 6.40 -6.12
CA THR B 180 33.04 6.34 -7.34
C THR B 180 32.25 5.77 -8.56
N ARG B 181 32.46 6.40 -9.74
CA ARG B 181 31.85 6.07 -11.03
C ARG B 181 32.46 4.80 -11.66
N GLN B 182 31.60 3.97 -12.31
CA GLN B 182 31.99 2.71 -12.96
C GLN B 182 31.30 2.50 -14.30
N VAL B 183 31.89 1.66 -15.18
CA VAL B 183 31.31 1.27 -16.48
C VAL B 183 31.21 -0.25 -16.49
N GLN B 184 29.97 -0.75 -16.46
CA GLN B 184 29.67 -2.18 -16.42
C GLN B 184 29.25 -2.71 -17.78
N HIS B 185 29.86 -3.84 -18.17
CA HIS B 185 29.59 -4.52 -19.42
C HIS B 185 28.83 -5.80 -19.15
N TYR B 186 27.60 -5.91 -19.70
CA TYR B 186 26.73 -7.08 -19.51
C TYR B 186 26.68 -7.92 -20.75
N SER B 187 26.60 -9.25 -20.56
CA SER B 187 26.54 -10.22 -21.64
C SER B 187 25.25 -10.13 -22.45
N CYS B 188 24.19 -9.62 -21.80
CA CYS B 188 22.84 -9.47 -22.33
C CYS B 188 22.73 -8.61 -23.56
N CYS B 189 23.43 -7.45 -23.52
CA CYS B 189 23.27 -6.28 -24.35
C CYS B 189 24.61 -5.73 -24.91
N PRO B 190 24.56 -4.98 -26.04
CA PRO B 190 25.80 -4.45 -26.63
C PRO B 190 26.25 -3.13 -26.03
N GLU B 191 25.28 -2.35 -25.53
CA GLU B 191 25.46 -1.03 -24.92
C GLU B 191 26.01 -1.20 -23.46
N PRO B 192 27.09 -0.48 -23.06
CA PRO B 192 27.57 -0.61 -21.67
C PRO B 192 26.76 0.25 -20.69
N TYR B 193 26.63 -0.20 -19.44
CA TYR B 193 25.84 0.54 -18.46
C TYR B 193 26.73 1.18 -17.38
N ILE B 194 26.43 2.45 -17.04
CA ILE B 194 27.15 3.27 -16.07
C ILE B 194 26.43 3.29 -14.71
N ASP B 195 27.22 3.17 -13.62
CA ASP B 195 26.73 3.17 -12.25
C ASP B 195 27.66 3.99 -11.32
N VAL B 196 27.35 4.01 -10.00
CA VAL B 196 28.14 4.70 -8.95
C VAL B 196 28.26 3.71 -7.76
N ASN B 197 29.51 3.39 -7.35
CA ASN B 197 29.77 2.44 -6.26
C ASN B 197 30.04 3.15 -4.92
N LEU B 198 29.06 3.00 -4.00
CA LEU B 198 29.02 3.53 -2.63
C LEU B 198 29.70 2.51 -1.71
N VAL B 199 30.94 2.80 -1.29
CA VAL B 199 31.76 1.91 -0.43
C VAL B 199 31.90 2.52 0.96
N VAL B 200 31.46 1.77 1.99
CA VAL B 200 31.45 2.20 3.39
C VAL B 200 32.23 1.20 4.27
N LYS B 201 33.15 1.72 5.10
CA LYS B 201 33.93 0.98 6.09
C LYS B 201 33.46 1.46 7.47
N PHE B 202 32.90 0.54 8.25
CA PHE B 202 32.34 0.87 9.57
C PHE B 202 32.76 -0.15 10.63
N ARG B 203 32.59 0.24 11.89
CA ARG B 203 32.95 -0.53 13.08
C ARG B 203 31.91 -0.28 14.18
N GLU B 204 31.65 -1.28 15.02
CA GLU B 204 30.72 -1.23 16.15
C GLU B 204 31.21 -0.20 17.22
N ARG B 205 30.33 0.13 18.22
CA ARG B 205 30.53 1.04 19.37
C ARG B 205 30.64 2.53 18.95
N GLN C 1 13.30 14.03 -31.63
CA GLN C 1 12.48 14.06 -30.40
C GLN C 1 10.99 13.96 -30.73
N ALA C 2 10.55 14.68 -31.78
CA ALA C 2 9.17 14.74 -32.24
C ALA C 2 8.77 13.44 -32.93
N ASN C 3 9.75 12.77 -33.57
CA ASN C 3 9.54 11.50 -34.28
C ASN C 3 9.18 10.36 -33.33
N LEU C 4 9.78 10.32 -32.13
CA LEU C 4 9.50 9.31 -31.12
C LEU C 4 8.11 9.51 -30.51
N MET C 5 7.68 10.78 -30.38
CA MET C 5 6.39 11.17 -29.83
C MET C 5 5.25 10.70 -30.75
N ARG C 6 5.39 10.90 -32.07
CA ARG C 6 4.37 10.52 -33.04
C ARG C 6 4.32 8.99 -33.27
N LEU C 7 5.43 8.27 -33.02
CA LEU C 7 5.47 6.80 -33.16
C LEU C 7 4.63 6.16 -32.05
N LYS C 8 4.78 6.64 -30.80
CA LYS C 8 4.05 6.17 -29.63
C LYS C 8 2.56 6.50 -29.76
N SER C 9 2.22 7.68 -30.31
CA SER C 9 0.85 8.13 -30.54
C SER C 9 0.15 7.26 -31.60
N ASP C 10 0.88 6.86 -32.66
CA ASP C 10 0.34 6.05 -33.75
C ASP C 10 0.12 4.59 -33.32
N LEU C 11 0.97 4.07 -32.41
CA LEU C 11 0.90 2.69 -31.94
C LEU C 11 -0.14 2.48 -30.84
N PHE C 12 -0.16 3.35 -29.81
CA PHE C 12 -1.04 3.18 -28.65
C PHE C 12 -2.34 3.98 -28.72
N ASN C 13 -2.26 5.32 -28.91
CA ASN C 13 -3.42 6.21 -28.93
C ASN C 13 -4.37 5.99 -30.12
N ARG C 14 -3.84 5.59 -31.28
CA ARG C 14 -4.65 5.38 -32.50
C ARG C 14 -5.29 3.97 -32.54
N SER C 15 -4.47 2.91 -32.46
CA SER C 15 -4.91 1.52 -32.53
C SER C 15 -5.43 0.99 -31.17
N PRO C 16 -6.46 0.10 -31.13
CA PRO C 16 -6.92 -0.46 -29.84
C PRO C 16 -5.93 -1.48 -29.28
N MET C 17 -5.84 -1.59 -27.94
CA MET C 17 -4.88 -2.49 -27.28
C MET C 17 -5.17 -3.98 -27.51
N TYR C 18 -4.09 -4.79 -27.52
CA TYR C 18 -4.07 -6.24 -27.71
C TYR C 18 -4.92 -6.95 -26.64
N PRO C 19 -5.86 -7.85 -27.03
CA PRO C 19 -6.73 -8.47 -26.02
C PRO C 19 -6.25 -9.84 -25.53
N GLY C 20 -4.95 -10.08 -25.60
CA GLY C 20 -4.34 -11.33 -25.17
C GLY C 20 -4.36 -12.39 -26.26
N PRO C 21 -3.58 -13.48 -26.11
CA PRO C 21 -3.56 -14.52 -27.15
C PRO C 21 -4.77 -15.45 -27.12
N THR C 22 -5.16 -15.96 -28.31
CA THR C 22 -6.26 -16.90 -28.53
C THR C 22 -5.70 -18.26 -28.89
N LYS C 23 -6.57 -19.30 -28.96
CA LYS C 23 -6.17 -20.65 -29.37
C LYS C 23 -5.87 -20.65 -30.88
N ASP C 24 -6.42 -19.66 -31.61
CA ASP C 24 -6.24 -19.45 -33.04
C ASP C 24 -4.98 -18.63 -33.31
N ASP C 25 -4.61 -17.73 -32.36
CA ASP C 25 -3.42 -16.87 -32.45
C ASP C 25 -2.58 -17.00 -31.16
N PRO C 26 -1.85 -18.14 -30.98
CA PRO C 26 -1.09 -18.34 -29.74
C PRO C 26 0.19 -17.50 -29.65
N LEU C 27 0.80 -17.48 -28.44
CA LEU C 27 2.03 -16.76 -28.13
C LEU C 27 3.04 -17.66 -27.45
N THR C 28 4.34 -17.38 -27.69
CA THR C 28 5.44 -18.14 -27.08
C THR C 28 6.34 -17.14 -26.37
N VAL C 29 6.44 -17.31 -25.04
CA VAL C 29 7.21 -16.45 -24.14
C VAL C 29 8.54 -17.12 -23.77
N THR C 30 9.66 -16.39 -23.94
CA THR C 30 10.98 -16.90 -23.59
C THR C 30 11.27 -16.48 -22.16
N LEU C 31 11.73 -17.44 -21.34
CA LEU C 31 11.96 -17.21 -19.92
C LEU C 31 13.39 -17.56 -19.48
N GLY C 32 13.96 -16.67 -18.65
CA GLY C 32 15.30 -16.77 -18.10
C GLY C 32 15.39 -16.30 -16.65
N PHE C 33 16.37 -16.87 -15.91
CA PHE C 33 16.58 -16.52 -14.51
C PHE C 33 18.03 -16.20 -14.17
N THR C 34 18.22 -15.10 -13.43
CA THR C 34 19.52 -14.65 -12.94
C THR C 34 19.45 -14.61 -11.41
N LEU C 35 20.00 -15.66 -10.74
CA LEU C 35 20.01 -15.77 -9.28
C LEU C 35 21.08 -14.86 -8.69
N GLN C 36 20.66 -14.04 -7.70
CA GLN C 36 21.50 -13.07 -7.00
C GLN C 36 21.81 -13.48 -5.57
N ASP C 37 20.81 -14.00 -4.80
CA ASP C 37 21.02 -14.39 -3.40
C ASP C 37 19.91 -15.29 -2.82
N ILE C 38 20.30 -16.13 -1.83
CA ILE C 38 19.45 -16.93 -0.94
C ILE C 38 19.60 -16.20 0.38
N VAL C 39 18.71 -15.25 0.63
CA VAL C 39 18.77 -14.33 1.76
C VAL C 39 18.31 -15.00 3.09
N LYS C 40 17.14 -15.67 3.14
CA LYS C 40 16.63 -16.25 4.39
C LYS C 40 16.18 -17.71 4.21
N VAL C 41 16.31 -18.50 5.29
CA VAL C 41 15.92 -19.92 5.39
C VAL C 41 15.21 -20.12 6.74
N ASP C 42 13.91 -20.52 6.72
CA ASP C 42 13.14 -20.74 7.96
C ASP C 42 12.82 -22.21 8.13
N SER C 43 13.37 -22.81 9.19
CA SER C 43 13.22 -24.22 9.53
C SER C 43 11.89 -24.53 10.22
N SER C 44 11.37 -23.59 11.01
CA SER C 44 10.13 -23.76 11.78
C SER C 44 8.85 -23.75 10.89
N THR C 45 8.92 -23.16 9.68
CA THR C 45 7.76 -23.07 8.78
C THR C 45 8.02 -23.66 7.39
N ASN C 46 9.30 -24.02 7.10
CA ASN C 46 9.77 -24.60 5.84
C ASN C 46 9.47 -23.66 4.64
N GLU C 47 10.01 -22.42 4.70
CA GLU C 47 9.88 -21.44 3.64
C GLU C 47 11.21 -20.67 3.46
N VAL C 48 11.65 -20.56 2.19
CA VAL C 48 12.91 -19.97 1.74
C VAL C 48 12.67 -18.69 0.86
N ASP C 49 13.54 -17.67 1.04
CA ASP C 49 13.50 -16.39 0.33
C ASP C 49 14.67 -16.27 -0.69
N LEU C 50 14.33 -15.92 -1.94
CA LEU C 50 15.29 -15.72 -3.04
C LEU C 50 15.22 -14.32 -3.62
N VAL C 51 16.37 -13.77 -4.05
CA VAL C 51 16.49 -12.47 -4.72
C VAL C 51 17.04 -12.77 -6.11
N TYR C 52 16.30 -12.38 -7.15
CA TYR C 52 16.62 -12.68 -8.55
C TYR C 52 15.93 -11.71 -9.51
N TYR C 53 16.36 -11.69 -10.78
CA TYR C 53 15.68 -10.93 -11.82
C TYR C 53 15.42 -11.85 -13.00
N GLU C 54 14.14 -11.94 -13.35
CA GLU C 54 13.55 -12.78 -14.39
C GLU C 54 13.59 -12.09 -15.76
N GLN C 55 13.72 -12.87 -16.83
CA GLN C 55 13.75 -12.36 -18.19
C GLN C 55 12.53 -12.84 -18.92
N GLN C 56 11.87 -11.96 -19.67
CA GLN C 56 10.71 -12.36 -20.45
C GLN C 56 10.60 -11.55 -21.75
N ARG C 57 10.67 -12.27 -22.90
CA ARG C 57 10.55 -11.68 -24.23
C ARG C 57 9.48 -12.42 -25.05
N TRP C 58 8.69 -11.64 -25.81
CA TRP C 58 7.61 -12.08 -26.69
C TRP C 58 7.50 -11.09 -27.86
N LYS C 59 6.97 -11.55 -29.01
CA LYS C 59 6.83 -10.73 -30.22
C LYS C 59 5.35 -10.54 -30.60
N LEU C 60 5.00 -9.32 -31.05
CA LEU C 60 3.64 -8.96 -31.46
C LEU C 60 3.66 -8.24 -32.81
N ASN C 61 2.76 -8.63 -33.73
CA ASN C 61 2.65 -8.04 -35.06
C ASN C 61 2.11 -6.61 -35.00
N SER C 62 1.32 -6.30 -33.95
CA SER C 62 0.73 -4.97 -33.75
C SER C 62 1.79 -3.92 -33.40
N LEU C 63 2.89 -4.34 -32.74
CA LEU C 63 3.97 -3.45 -32.31
C LEU C 63 5.09 -3.28 -33.37
N MET C 64 4.87 -3.77 -34.60
CA MET C 64 5.84 -3.63 -35.70
C MET C 64 5.77 -2.26 -36.35
N TRP C 65 6.93 -1.74 -36.82
CA TRP C 65 7.00 -0.44 -37.50
C TRP C 65 8.22 -0.37 -38.44
N ASP C 66 8.15 0.56 -39.41
CA ASP C 66 9.23 0.82 -40.36
C ASP C 66 10.12 1.96 -39.80
N PRO C 67 11.43 1.72 -39.59
CA PRO C 67 12.29 2.77 -39.02
C PRO C 67 12.48 4.00 -39.91
N ASN C 68 12.54 3.83 -41.25
CA ASN C 68 12.73 4.92 -42.21
C ASN C 68 11.58 5.95 -42.19
N GLU C 69 10.34 5.50 -41.90
CA GLU C 69 9.15 6.35 -41.84
C GLU C 69 9.12 7.22 -40.59
N TYR C 70 9.83 6.81 -39.51
CA TYR C 70 9.84 7.52 -38.24
C TYR C 70 11.24 8.04 -37.85
N GLY C 71 12.07 8.32 -38.86
CA GLY C 71 13.40 8.88 -38.66
C GLY C 71 14.44 7.98 -38.03
N ASN C 72 14.67 6.81 -38.66
CA ASN C 72 15.66 5.78 -38.30
C ASN C 72 15.58 5.30 -36.82
N ILE C 73 14.36 5.19 -36.25
CA ILE C 73 14.19 4.70 -34.88
C ILE C 73 14.08 3.17 -34.93
N THR C 74 15.03 2.49 -34.26
CA THR C 74 15.11 1.02 -34.21
C THR C 74 14.38 0.46 -32.98
N ASP C 75 14.48 1.15 -31.83
CA ASP C 75 13.86 0.73 -30.57
C ASP C 75 13.52 1.94 -29.67
N PHE C 76 12.77 1.70 -28.57
CA PHE C 76 12.37 2.71 -27.58
C PHE C 76 11.90 2.06 -26.26
N ARG C 77 12.12 2.78 -25.14
CA ARG C 77 11.70 2.36 -23.79
C ARG C 77 10.30 2.93 -23.49
N THR C 78 9.42 2.14 -22.87
CA THR C 78 8.06 2.58 -22.52
C THR C 78 7.57 1.91 -21.23
N SER C 79 6.60 2.54 -20.55
CA SER C 79 6.02 2.02 -19.31
C SER C 79 5.30 0.70 -19.57
N ALA C 80 5.35 -0.21 -18.58
CA ALA C 80 4.73 -1.53 -18.66
C ALA C 80 3.18 -1.45 -18.73
N ALA C 81 2.61 -0.29 -18.35
CA ALA C 81 1.17 -0.04 -18.38
C ALA C 81 0.66 0.17 -19.80
N ASP C 82 1.51 0.70 -20.69
CA ASP C 82 1.19 1.01 -22.09
C ASP C 82 1.03 -0.24 -22.97
N ILE C 83 1.60 -1.39 -22.56
CA ILE C 83 1.58 -2.63 -23.33
C ILE C 83 1.05 -3.82 -22.52
N TRP C 84 0.69 -4.91 -23.24
CA TRP C 84 0.23 -6.17 -22.66
C TRP C 84 1.43 -6.93 -22.10
N THR C 85 1.25 -7.60 -20.96
CA THR C 85 2.30 -8.38 -20.31
C THR C 85 1.77 -9.77 -19.88
N PRO C 86 2.59 -10.85 -20.01
CA PRO C 86 2.10 -12.19 -19.62
C PRO C 86 1.91 -12.36 -18.11
N ASP C 87 0.97 -13.24 -17.69
CA ASP C 87 0.62 -13.50 -16.30
C ASP C 87 1.42 -14.68 -15.69
N ILE C 88 2.76 -14.65 -15.82
CA ILE C 88 3.66 -15.68 -15.27
C ILE C 88 3.62 -15.61 -13.73
N THR C 89 3.27 -16.73 -13.07
CA THR C 89 3.12 -16.79 -11.61
C THR C 89 3.84 -18.00 -11.01
N ALA C 90 4.43 -17.83 -9.81
CA ALA C 90 5.06 -18.90 -9.05
C ALA C 90 3.96 -19.62 -8.25
N TYR C 91 3.92 -20.94 -8.38
CA TYR C 91 2.88 -21.79 -7.81
C TYR C 91 3.07 -22.09 -6.31
N SER C 92 4.29 -22.40 -5.85
CA SER C 92 4.56 -22.77 -4.47
C SER C 92 4.88 -21.57 -3.52
N SER C 93 4.41 -20.33 -3.84
CA SER C 93 4.67 -19.15 -3.02
C SER C 93 3.83 -19.15 -1.74
N THR C 94 4.36 -18.55 -0.65
CA THR C 94 3.66 -18.43 0.64
C THR C 94 3.25 -16.98 0.94
N ARG C 95 3.98 -16.00 0.37
CA ARG C 95 3.67 -14.59 0.57
C ARG C 95 3.84 -13.82 -0.77
N PRO C 96 3.08 -12.70 -0.99
CA PRO C 96 3.16 -11.99 -2.29
C PRO C 96 4.55 -11.50 -2.65
N VAL C 97 4.86 -11.54 -3.96
CA VAL C 97 6.16 -11.16 -4.53
C VAL C 97 6.40 -9.66 -4.37
N GLN C 98 7.62 -9.30 -3.96
CA GLN C 98 8.05 -7.91 -3.81
C GLN C 98 8.85 -7.47 -5.06
N VAL C 99 8.43 -6.38 -5.73
CA VAL C 99 9.11 -5.87 -6.93
C VAL C 99 10.26 -4.95 -6.49
N LEU C 100 11.46 -5.14 -7.08
CA LEU C 100 12.67 -4.39 -6.75
C LEU C 100 13.24 -3.58 -7.95
N SER C 101 12.52 -3.56 -9.09
CA SER C 101 12.95 -2.83 -10.30
C SER C 101 11.83 -1.92 -10.89
N PRO C 102 12.16 -0.87 -11.70
CA PRO C 102 11.10 -0.04 -12.33
C PRO C 102 10.22 -0.80 -13.31
N GLN C 103 8.98 -0.31 -13.51
CA GLN C 103 7.98 -0.91 -14.42
C GLN C 103 8.12 -0.33 -15.84
N ILE C 104 9.27 -0.61 -16.49
CA ILE C 104 9.59 -0.15 -17.86
C ILE C 104 10.06 -1.34 -18.70
N ALA C 105 9.70 -1.36 -19.99
CA ALA C 105 10.09 -2.38 -20.97
C ALA C 105 10.65 -1.70 -22.22
N VAL C 106 11.35 -2.46 -23.10
CA VAL C 106 11.92 -1.89 -24.33
C VAL C 106 11.40 -2.68 -25.56
N VAL C 107 10.81 -1.95 -26.51
CA VAL C 107 10.20 -2.48 -27.74
C VAL C 107 11.09 -2.18 -28.96
N THR C 108 11.22 -3.16 -29.88
CA THR C 108 12.02 -3.08 -31.11
C THR C 108 11.08 -3.08 -32.33
N HIS C 109 11.54 -2.51 -33.47
CA HIS C 109 10.82 -2.33 -34.73
C HIS C 109 10.21 -3.64 -35.30
N ASP C 110 10.77 -4.81 -34.94
CA ASP C 110 10.26 -6.11 -35.40
C ASP C 110 9.05 -6.56 -34.54
N GLY C 111 8.71 -5.77 -33.53
CA GLY C 111 7.60 -6.03 -32.62
C GLY C 111 7.94 -6.85 -31.40
N SER C 112 9.25 -7.04 -31.14
CA SER C 112 9.74 -7.81 -29.99
C SER C 112 9.84 -6.94 -28.73
N VAL C 113 9.17 -7.38 -27.63
CA VAL C 113 9.11 -6.71 -26.31
C VAL C 113 10.10 -7.40 -25.33
N MET C 114 10.81 -6.61 -24.50
CA MET C 114 11.78 -7.10 -23.52
C MET C 114 11.46 -6.54 -22.14
N PHE C 115 11.16 -7.43 -21.16
CA PHE C 115 10.83 -7.02 -19.79
C PHE C 115 11.66 -7.78 -18.78
N ILE C 116 12.36 -7.04 -17.88
CA ILE C 116 13.25 -7.67 -16.90
C ILE C 116 12.87 -7.20 -15.46
N PRO C 117 11.95 -7.93 -14.78
CA PRO C 117 11.56 -7.52 -13.41
C PRO C 117 12.41 -8.18 -12.29
N ALA C 118 12.92 -7.35 -11.34
CA ALA C 118 13.68 -7.83 -10.17
C ALA C 118 12.68 -8.16 -9.05
N GLN C 119 12.84 -9.34 -8.43
CA GLN C 119 11.88 -9.82 -7.42
C GLN C 119 12.50 -10.48 -6.18
N ARG C 120 11.72 -10.51 -5.07
CA ARG C 120 12.03 -11.19 -3.82
C ARG C 120 10.86 -12.14 -3.54
N LEU C 121 11.10 -13.46 -3.68
CA LEU C 121 10.09 -14.50 -3.51
C LEU C 121 10.35 -15.39 -2.27
N SER C 122 9.28 -15.65 -1.49
CA SER C 122 9.30 -16.57 -0.36
C SER C 122 8.40 -17.77 -0.71
N PHE C 123 9.01 -18.94 -1.01
CA PHE C 123 8.33 -20.17 -1.47
C PHE C 123 8.49 -21.37 -0.50
N MET C 124 7.76 -22.50 -0.76
CA MET C 124 7.75 -23.74 0.05
C MET C 124 8.98 -24.59 -0.25
N CYS C 125 9.81 -24.83 0.79
CA CYS C 125 11.08 -25.57 0.72
C CYS C 125 11.49 -26.08 2.10
N ASP C 126 11.71 -27.41 2.24
CA ASP C 126 12.20 -28.02 3.48
C ASP C 126 13.74 -27.96 3.50
N PRO C 127 14.34 -27.20 4.43
CA PRO C 127 15.80 -27.00 4.40
C PRO C 127 16.61 -27.96 5.28
N THR C 128 16.03 -29.13 5.63
CA THR C 128 16.67 -30.12 6.48
C THR C 128 17.92 -30.66 5.77
N GLY C 129 19.07 -30.45 6.40
CA GLY C 129 20.38 -30.90 5.90
C GLY C 129 21.12 -29.88 5.06
N VAL C 130 20.97 -28.58 5.36
CA VAL C 130 21.64 -27.49 4.64
C VAL C 130 23.08 -27.33 5.20
N ASP C 131 23.27 -27.65 6.50
CA ASP C 131 24.54 -27.57 7.23
C ASP C 131 25.57 -28.62 6.75
N SER C 132 25.09 -29.74 6.20
CA SER C 132 25.91 -30.85 5.70
C SER C 132 26.69 -30.47 4.44
N GLU C 133 27.75 -31.25 4.11
CA GLU C 133 28.60 -31.06 2.94
C GLU C 133 27.85 -31.39 1.62
N GLU C 134 26.83 -32.25 1.72
CA GLU C 134 26.00 -32.69 0.60
C GLU C 134 25.01 -31.60 0.17
N GLY C 135 24.49 -30.87 1.16
CA GLY C 135 23.52 -29.78 0.96
C GLY C 135 22.08 -30.24 0.90
N VAL C 136 21.17 -29.35 0.47
CA VAL C 136 19.74 -29.61 0.33
C VAL C 136 19.25 -29.08 -1.04
N THR C 137 18.28 -29.77 -1.66
CA THR C 137 17.72 -29.40 -2.97
C THR C 137 16.25 -28.98 -2.84
N CYS C 138 15.87 -27.92 -3.58
CA CYS C 138 14.50 -27.37 -3.60
C CYS C 138 14.10 -26.90 -5.01
N ALA C 139 12.79 -26.92 -5.32
CA ALA C 139 12.27 -26.50 -6.62
C ALA C 139 10.98 -25.64 -6.51
N VAL C 140 10.74 -24.76 -7.54
CA VAL C 140 9.58 -23.86 -7.70
C VAL C 140 9.26 -23.74 -9.22
N LYS C 141 7.95 -23.90 -9.58
CA LYS C 141 7.44 -23.86 -10.97
C LYS C 141 6.79 -22.51 -11.32
N PHE C 142 7.22 -21.90 -12.44
CA PHE C 142 6.72 -20.61 -12.95
C PHE C 142 5.93 -20.81 -14.23
N GLY C 143 4.67 -20.39 -14.21
CA GLY C 143 3.78 -20.50 -15.36
C GLY C 143 2.56 -19.61 -15.28
N SER C 144 1.84 -19.47 -16.42
CA SER C 144 0.61 -18.66 -16.53
C SER C 144 -0.49 -19.22 -15.61
N TRP C 145 -1.30 -18.33 -15.04
CA TRP C 145 -2.35 -18.73 -14.13
C TRP C 145 -3.68 -18.97 -14.88
N VAL C 146 -4.00 -18.13 -15.89
CA VAL C 146 -5.27 -18.23 -16.62
C VAL C 146 -5.15 -18.88 -18.01
N TYR C 147 -4.08 -18.60 -18.77
CA TYR C 147 -3.92 -19.14 -20.12
C TYR C 147 -3.38 -20.58 -20.11
N SER C 148 -3.98 -21.46 -20.93
CA SER C 148 -3.61 -22.86 -21.07
C SER C 148 -2.46 -23.02 -22.09
N GLY C 149 -2.13 -24.26 -22.42
CA GLY C 149 -1.06 -24.58 -23.37
C GLY C 149 -1.34 -24.15 -24.80
N PHE C 150 -2.63 -24.13 -25.19
CA PHE C 150 -3.08 -23.76 -26.54
C PHE C 150 -3.00 -22.25 -26.77
N GLU C 151 -2.94 -21.47 -25.67
CA GLU C 151 -2.89 -20.02 -25.72
C GLU C 151 -1.46 -19.50 -25.54
N ILE C 152 -0.75 -19.95 -24.48
CA ILE C 152 0.63 -19.56 -24.17
C ILE C 152 1.53 -20.80 -24.02
N ASP C 153 2.69 -20.77 -24.67
CA ASP C 153 3.76 -21.77 -24.59
C ASP C 153 4.98 -21.09 -23.97
N LEU C 154 5.82 -21.87 -23.31
CA LEU C 154 7.02 -21.34 -22.69
C LEU C 154 8.26 -22.06 -23.24
N LYS C 155 9.34 -21.31 -23.48
CA LYS C 155 10.60 -21.87 -23.97
C LYS C 155 11.78 -21.22 -23.23
N THR C 156 12.90 -21.94 -23.12
CA THR C 156 14.09 -21.44 -22.45
C THR C 156 15.28 -21.53 -23.44
N ASP C 157 16.12 -20.47 -23.49
CA ASP C 157 17.28 -20.43 -24.39
C ASP C 157 18.37 -21.41 -23.92
N THR C 158 18.54 -21.56 -22.59
CA THR C 158 19.48 -22.49 -21.96
C THR C 158 18.85 -23.11 -20.73
N ASP C 159 19.33 -24.31 -20.32
CA ASP C 159 18.80 -24.98 -19.14
C ASP C 159 19.61 -24.65 -17.88
N GLN C 160 20.71 -23.89 -18.04
CA GLN C 160 21.57 -23.48 -16.93
C GLN C 160 21.24 -22.04 -16.49
N VAL C 161 20.98 -21.85 -15.19
CA VAL C 161 20.63 -20.57 -14.56
C VAL C 161 21.90 -19.71 -14.47
N ASP C 162 21.77 -18.37 -14.73
CA ASP C 162 22.91 -17.44 -14.68
C ASP C 162 23.28 -17.12 -13.22
N LEU C 163 24.46 -17.59 -12.79
CA LEU C 163 24.97 -17.40 -11.44
C LEU C 163 26.19 -16.45 -11.42
N SER C 164 26.45 -15.78 -12.57
CA SER C 164 27.57 -14.82 -12.71
C SER C 164 27.38 -13.58 -11.85
N SER C 165 26.12 -13.31 -11.42
CA SER C 165 25.78 -12.15 -10.61
C SER C 165 25.40 -12.55 -9.16
N TYR C 166 25.66 -13.83 -8.78
CA TYR C 166 25.37 -14.33 -7.43
C TYR C 166 26.32 -13.69 -6.39
N TYR C 167 25.76 -13.32 -5.21
CA TYR C 167 26.45 -12.68 -4.09
C TYR C 167 27.49 -13.61 -3.47
N ALA C 168 28.77 -13.18 -3.55
CA ALA C 168 29.96 -13.91 -3.08
C ALA C 168 29.94 -14.19 -1.57
N SER C 169 29.65 -13.17 -0.75
CA SER C 169 29.65 -13.30 0.71
C SER C 169 28.28 -13.74 1.29
N SER C 170 27.46 -14.47 0.51
CA SER C 170 26.16 -14.99 0.95
C SER C 170 26.34 -16.06 2.03
N LYS C 171 25.30 -16.27 2.87
CA LYS C 171 25.30 -17.28 3.94
C LYS C 171 25.21 -18.71 3.36
N TYR C 172 24.72 -18.84 2.09
CA TYR C 172 24.56 -20.12 1.41
C TYR C 172 25.19 -20.10 0.01
N GLU C 173 26.00 -21.13 -0.31
CA GLU C 173 26.67 -21.27 -1.62
C GLU C 173 25.91 -22.26 -2.52
N ILE C 174 25.79 -21.92 -3.82
CA ILE C 174 25.07 -22.73 -4.81
C ILE C 174 25.97 -23.86 -5.32
N LEU C 175 25.39 -25.05 -5.40
CA LEU C 175 26.07 -26.26 -5.88
C LEU C 175 25.62 -26.56 -7.33
N SER C 176 24.32 -26.29 -7.65
CA SER C 176 23.73 -26.45 -8.98
C SER C 176 22.39 -25.71 -9.08
N ALA C 177 22.15 -25.06 -10.23
CA ALA C 177 20.92 -24.32 -10.51
C ALA C 177 20.50 -24.49 -11.97
N THR C 178 19.29 -25.07 -12.20
CA THR C 178 18.76 -25.37 -13.54
C THR C 178 17.31 -24.89 -13.75
N GLN C 179 17.02 -24.45 -14.99
CA GLN C 179 15.72 -23.96 -15.48
C GLN C 179 15.24 -24.87 -16.62
N THR C 180 14.20 -25.71 -16.39
CA THR C 180 13.72 -26.66 -17.40
C THR C 180 12.19 -26.54 -17.64
N ARG C 181 11.77 -26.56 -18.94
CA ARG C 181 10.37 -26.46 -19.35
C ARG C 181 9.64 -27.78 -19.09
N GLN C 182 8.49 -27.70 -18.42
CA GLN C 182 7.69 -28.88 -18.07
C GLN C 182 6.19 -28.61 -18.25
N VAL C 183 5.43 -29.66 -18.63
CA VAL C 183 3.99 -29.61 -18.86
C VAL C 183 3.24 -30.28 -17.71
N GLN C 184 2.44 -29.49 -17.00
CA GLN C 184 1.61 -29.94 -15.88
C GLN C 184 0.21 -30.35 -16.36
N HIS C 185 -0.42 -31.23 -15.60
CA HIS C 185 -1.77 -31.74 -15.86
C HIS C 185 -2.57 -31.62 -14.58
N TYR C 186 -3.59 -30.75 -14.56
CA TYR C 186 -4.41 -30.53 -13.37
C TYR C 186 -5.79 -31.18 -13.56
N SER C 187 -6.25 -31.92 -12.53
CA SER C 187 -7.52 -32.69 -12.49
C SER C 187 -8.75 -31.86 -12.85
N CYS C 188 -8.70 -30.55 -12.57
CA CYS C 188 -9.74 -29.54 -12.78
C CYS C 188 -10.28 -29.50 -14.19
N CYS C 189 -9.35 -29.43 -15.15
CA CYS C 189 -9.55 -29.06 -16.53
C CYS C 189 -8.82 -30.00 -17.50
N PRO C 190 -9.36 -30.23 -18.73
CA PRO C 190 -8.67 -31.15 -19.66
C PRO C 190 -7.47 -30.52 -20.38
N GLU C 191 -7.38 -29.18 -20.39
CA GLU C 191 -6.30 -28.43 -21.04
C GLU C 191 -4.96 -28.57 -20.26
N PRO C 192 -3.82 -28.97 -20.93
CA PRO C 192 -2.53 -29.02 -20.22
C PRO C 192 -1.94 -27.64 -20.08
N TYR C 193 -1.14 -27.43 -19.02
CA TYR C 193 -0.51 -26.14 -18.72
C TYR C 193 1.02 -26.27 -18.72
N ILE C 194 1.70 -25.29 -19.31
CA ILE C 194 3.17 -25.30 -19.40
C ILE C 194 3.75 -24.39 -18.29
N ASP C 195 4.94 -24.78 -17.78
CA ASP C 195 5.71 -24.08 -16.74
C ASP C 195 7.22 -24.32 -16.92
N VAL C 196 8.04 -23.62 -16.11
CA VAL C 196 9.50 -23.73 -16.08
C VAL C 196 9.91 -24.04 -14.63
N ASN C 197 10.49 -25.22 -14.41
CA ASN C 197 10.88 -25.62 -13.06
C ASN C 197 12.29 -25.10 -12.69
N LEU C 198 12.35 -24.24 -11.65
CA LEU C 198 13.59 -23.66 -11.12
C LEU C 198 14.10 -24.58 -9.98
N VAL C 199 15.14 -25.44 -10.26
CA VAL C 199 15.71 -26.39 -9.28
C VAL C 199 17.08 -25.90 -8.79
N VAL C 200 17.20 -25.71 -7.47
CA VAL C 200 18.42 -25.19 -6.83
C VAL C 200 18.92 -26.15 -5.73
N LYS C 201 20.22 -26.48 -5.78
CA LYS C 201 20.94 -27.28 -4.78
C LYS C 201 21.92 -26.33 -4.10
N PHE C 202 21.76 -26.13 -2.79
CA PHE C 202 22.58 -25.20 -2.02
C PHE C 202 23.03 -25.81 -0.69
N ARG C 203 24.06 -25.20 -0.10
CA ARG C 203 24.70 -25.61 1.14
C ARG C 203 25.11 -24.37 1.95
N GLU C 204 25.13 -24.49 3.29
CA GLU C 204 25.53 -23.44 4.22
C GLU C 204 27.02 -23.12 4.04
N ARG C 205 27.42 -21.86 4.39
CA ARG C 205 28.78 -21.30 4.29
C ARG C 205 29.18 -21.12 2.82
N GLN D 1 -8.45 -11.68 -34.60
CA GLN D 1 -7.93 -10.76 -33.58
C GLN D 1 -8.87 -9.57 -33.39
N ALA D 2 -9.42 -9.06 -34.52
CA ALA D 2 -10.33 -7.92 -34.55
C ALA D 2 -11.71 -8.30 -34.00
N ASN D 3 -12.10 -9.58 -34.16
CA ASN D 3 -13.38 -10.11 -33.71
C ASN D 3 -13.48 -10.12 -32.18
N LEU D 4 -12.37 -10.42 -31.48
CA LEU D 4 -12.34 -10.44 -30.02
C LEU D 4 -12.40 -9.02 -29.45
N MET D 5 -11.79 -8.06 -30.18
CA MET D 5 -11.75 -6.64 -29.80
C MET D 5 -13.15 -6.03 -29.84
N ARG D 6 -13.93 -6.31 -30.91
CA ARG D 6 -15.29 -5.77 -31.07
C ARG D 6 -16.30 -6.46 -30.13
N LEU D 7 -16.03 -7.71 -29.70
CA LEU D 7 -16.91 -8.42 -28.76
C LEU D 7 -16.84 -7.75 -27.37
N LYS D 8 -15.61 -7.44 -26.91
CA LYS D 8 -15.35 -6.78 -25.62
C LYS D 8 -15.92 -5.35 -25.62
N SER D 9 -15.80 -4.64 -26.76
CA SER D 9 -16.32 -3.28 -26.93
C SER D 9 -17.86 -3.25 -26.89
N ASP D 10 -18.51 -4.27 -27.48
CA ASP D 10 -19.98 -4.37 -27.51
C ASP D 10 -20.55 -4.76 -26.13
N LEU D 11 -19.81 -5.55 -25.34
CA LEU D 11 -20.26 -6.01 -24.03
C LEU D 11 -20.04 -4.99 -22.92
N PHE D 12 -18.85 -4.38 -22.85
CA PHE D 12 -18.51 -3.46 -21.77
C PHE D 12 -18.68 -1.99 -22.10
N ASN D 13 -18.06 -1.50 -23.20
CA ASN D 13 -18.09 -0.08 -23.59
C ASN D 13 -19.48 0.41 -24.04
N ARG D 14 -20.30 -0.46 -24.65
CA ARG D 14 -21.64 -0.10 -25.14
C ARG D 14 -22.71 -0.17 -24.03
N SER D 15 -22.87 -1.35 -23.40
CA SER D 15 -23.88 -1.62 -22.38
C SER D 15 -23.43 -1.14 -20.98
N PRO D 16 -24.35 -0.64 -20.11
CA PRO D 16 -23.94 -0.21 -18.74
C PRO D 16 -23.65 -1.42 -17.85
N MET D 17 -22.72 -1.27 -16.88
CA MET D 17 -22.33 -2.38 -15.99
C MET D 17 -23.45 -2.82 -15.03
N TYR D 18 -23.43 -4.13 -14.69
CA TYR D 18 -24.36 -4.84 -13.81
C TYR D 18 -24.36 -4.19 -12.41
N PRO D 19 -25.55 -3.86 -11.84
CA PRO D 19 -25.58 -3.18 -10.54
C PRO D 19 -25.76 -4.13 -9.33
N GLY D 20 -25.38 -5.40 -9.50
CA GLY D 20 -25.50 -6.40 -8.45
C GLY D 20 -26.85 -7.09 -8.46
N PRO D 21 -27.00 -8.22 -7.73
CA PRO D 21 -28.30 -8.91 -7.73
C PRO D 21 -29.33 -8.29 -6.79
N THR D 22 -30.62 -8.42 -7.16
CA THR D 22 -31.79 -7.91 -6.43
C THR D 22 -32.55 -9.09 -5.82
N LYS D 23 -33.55 -8.80 -4.97
CA LYS D 23 -34.41 -9.84 -4.38
C LYS D 23 -35.34 -10.41 -5.48
N ASP D 24 -35.55 -9.62 -6.55
CA ASP D 24 -36.36 -9.97 -7.73
C ASP D 24 -35.53 -10.75 -8.74
N ASP D 25 -34.19 -10.49 -8.78
CA ASP D 25 -33.26 -11.16 -9.70
C ASP D 25 -32.06 -11.71 -8.90
N PRO D 26 -32.24 -12.81 -8.12
CA PRO D 26 -31.15 -13.32 -7.29
C PRO D 26 -30.06 -14.04 -8.07
N LEU D 27 -28.92 -14.32 -7.39
CA LEU D 27 -27.75 -14.99 -7.95
C LEU D 27 -27.27 -16.14 -7.08
N THR D 28 -26.71 -17.19 -7.72
CA THR D 28 -26.19 -18.35 -7.03
C THR D 28 -24.72 -18.56 -7.43
N VAL D 29 -23.86 -18.55 -6.42
CA VAL D 29 -22.42 -18.71 -6.58
C VAL D 29 -22.02 -20.10 -6.15
N THR D 30 -21.20 -20.76 -6.98
CA THR D 30 -20.65 -22.07 -6.67
C THR D 30 -19.26 -21.83 -6.06
N LEU D 31 -19.01 -22.36 -4.85
CA LEU D 31 -17.73 -22.19 -4.14
C LEU D 31 -16.98 -23.52 -3.99
N GLY D 32 -15.65 -23.46 -4.06
CA GLY D 32 -14.77 -24.62 -3.96
C GLY D 32 -13.38 -24.29 -3.45
N PHE D 33 -12.81 -25.13 -2.58
CA PHE D 33 -11.51 -24.89 -1.96
C PHE D 33 -10.44 -25.96 -2.27
N THR D 34 -9.22 -25.49 -2.57
CA THR D 34 -8.05 -26.32 -2.82
C THR D 34 -6.97 -25.95 -1.81
N LEU D 35 -6.81 -26.77 -0.75
CA LEU D 35 -5.84 -26.51 0.31
C LEU D 35 -4.42 -26.93 -0.14
N GLN D 36 -3.46 -26.00 0.05
CA GLN D 36 -2.06 -26.17 -0.35
C GLN D 36 -1.13 -26.35 0.85
N ASP D 37 -1.32 -25.56 1.95
CA ASP D 37 -0.45 -25.65 3.13
C ASP D 37 -1.02 -24.96 4.39
N ILE D 38 -0.59 -25.47 5.56
CA ILE D 38 -0.78 -24.92 6.90
C ILE D 38 0.63 -24.45 7.27
N VAL D 39 0.93 -23.19 6.93
CA VAL D 39 2.26 -22.62 7.03
C VAL D 39 2.65 -22.23 8.49
N LYS D 40 1.79 -21.48 9.22
CA LYS D 40 2.13 -21.04 10.58
C LYS D 40 1.01 -21.34 11.59
N VAL D 41 1.41 -21.59 12.86
CA VAL D 41 0.54 -21.86 14.00
C VAL D 41 1.08 -21.05 15.21
N ASP D 42 0.28 -20.11 15.74
CA ASP D 42 0.68 -19.30 16.89
C ASP D 42 -0.15 -19.64 18.12
N SER D 43 0.51 -20.18 19.14
CA SER D 43 -0.11 -20.63 20.39
C SER D 43 -0.39 -19.49 21.37
N SER D 44 0.46 -18.45 21.35
CA SER D 44 0.36 -17.29 22.25
C SER D 44 -0.81 -16.36 21.92
N THR D 45 -1.32 -16.37 20.66
CA THR D 45 -2.43 -15.50 20.24
C THR D 45 -3.61 -16.27 19.64
N ASN D 46 -3.44 -17.60 19.42
CA ASN D 46 -4.44 -18.53 18.86
C ASN D 46 -4.88 -18.09 17.46
N GLU D 47 -3.92 -17.96 16.53
CA GLU D 47 -4.19 -17.61 15.13
C GLU D 47 -3.31 -18.47 14.19
N VAL D 48 -3.96 -19.11 13.20
CA VAL D 48 -3.35 -20.04 12.24
C VAL D 48 -3.46 -19.48 10.80
N ASP D 49 -2.39 -19.67 10.00
CA ASP D 49 -2.26 -19.23 8.61
C ASP D 49 -2.37 -20.37 7.60
N LEU D 50 -3.21 -20.18 6.56
CA LEU D 50 -3.44 -21.15 5.48
C LEU D 50 -3.13 -20.57 4.11
N VAL D 51 -2.61 -21.42 3.19
CA VAL D 51 -2.33 -21.08 1.79
C VAL D 51 -3.25 -21.97 0.96
N TYR D 52 -4.10 -21.35 0.13
CA TYR D 52 -5.12 -22.05 -0.66
C TYR D 52 -5.60 -21.20 -1.84
N TYR D 53 -6.29 -21.82 -2.81
CA TYR D 53 -6.92 -21.08 -3.89
C TYR D 53 -8.38 -21.51 -3.96
N GLU D 54 -9.26 -20.51 -3.81
CA GLU D 54 -10.73 -20.62 -3.81
C GLU D 54 -11.28 -20.70 -5.25
N GLN D 55 -12.46 -21.30 -5.43
CA GLN D 55 -13.09 -21.40 -6.75
C GLN D 55 -14.44 -20.71 -6.70
N GLN D 56 -14.69 -19.75 -7.62
CA GLN D 56 -15.97 -19.04 -7.65
C GLN D 56 -16.45 -18.84 -9.09
N ARG D 57 -17.68 -19.36 -9.37
CA ARG D 57 -18.37 -19.26 -10.66
C ARG D 57 -19.85 -18.89 -10.47
N TRP D 58 -20.34 -18.05 -11.39
CA TRP D 58 -21.71 -17.51 -11.48
C TRP D 58 -22.05 -17.27 -12.95
N LYS D 59 -23.35 -17.10 -13.26
CA LYS D 59 -23.84 -16.85 -14.63
C LYS D 59 -24.64 -15.54 -14.70
N LEU D 60 -24.46 -14.78 -15.79
CA LEU D 60 -25.13 -13.51 -16.03
C LEU D 60 -25.71 -13.46 -17.45
N ASN D 61 -26.96 -13.01 -17.58
CA ASN D 61 -27.64 -12.90 -18.88
C ASN D 61 -27.05 -11.79 -19.74
N SER D 62 -26.47 -10.76 -19.09
CA SER D 62 -25.86 -9.62 -19.77
C SER D 62 -24.57 -10.01 -20.51
N LEU D 63 -23.85 -11.03 -20.01
CA LEU D 63 -22.59 -11.50 -20.59
C LEU D 63 -22.77 -12.60 -21.66
N MET D 64 -24.02 -12.86 -22.09
CA MET D 64 -24.31 -13.87 -23.12
C MET D 64 -24.05 -13.31 -24.52
N TRP D 65 -23.59 -14.18 -25.45
CA TRP D 65 -23.34 -13.79 -26.85
C TRP D 65 -23.44 -15.00 -27.79
N ASP D 66 -23.66 -14.72 -29.09
CA ASP D 66 -23.72 -15.72 -30.15
C ASP D 66 -22.31 -15.89 -30.78
N PRO D 67 -21.73 -17.11 -30.73
CA PRO D 67 -20.36 -17.29 -31.27
C PRO D 67 -20.24 -17.09 -32.78
N ASN D 68 -21.26 -17.46 -33.57
CA ASN D 68 -21.26 -17.33 -35.04
C ASN D 68 -21.17 -15.87 -35.51
N GLU D 69 -21.76 -14.94 -34.75
CA GLU D 69 -21.76 -13.51 -35.06
C GLU D 69 -20.40 -12.84 -34.83
N TYR D 70 -19.56 -13.45 -33.97
CA TYR D 70 -18.25 -12.90 -33.62
C TYR D 70 -17.08 -13.83 -34.04
N GLY D 71 -17.29 -14.63 -35.08
CA GLY D 71 -16.27 -15.52 -35.61
C GLY D 71 -15.86 -16.70 -34.75
N ASN D 72 -16.86 -17.54 -34.39
CA ASN D 72 -16.73 -18.79 -33.61
C ASN D 72 -15.98 -18.64 -32.26
N ILE D 73 -16.16 -17.50 -31.55
CA ILE D 73 -15.52 -17.29 -30.25
C ILE D 73 -16.45 -17.89 -29.18
N THR D 74 -15.94 -18.90 -28.45
CA THR D 74 -16.66 -19.61 -27.39
C THR D 74 -16.40 -18.98 -26.01
N ASP D 75 -15.16 -18.54 -25.75
CA ASP D 75 -14.75 -17.94 -24.47
C ASP D 75 -13.61 -16.94 -24.65
N PHE D 76 -13.28 -16.18 -23.56
CA PHE D 76 -12.19 -15.19 -23.54
C PHE D 76 -11.80 -14.82 -22.09
N ARG D 77 -10.52 -14.47 -21.89
CA ARG D 77 -9.98 -14.04 -20.59
C ARG D 77 -10.07 -12.50 -20.50
N THR D 78 -10.43 -11.96 -19.32
CA THR D 78 -10.53 -10.51 -19.10
C THR D 78 -10.19 -10.15 -17.65
N SER D 79 -9.77 -8.89 -17.43
CA SER D 79 -9.44 -8.37 -16.10
C SER D 79 -10.68 -8.37 -15.21
N ALA D 80 -10.46 -8.64 -13.90
CA ALA D 80 -11.51 -8.69 -12.89
C ALA D 80 -12.18 -7.32 -12.67
N ALA D 81 -11.50 -6.23 -13.09
CA ALA D 81 -12.01 -4.86 -12.98
C ALA D 81 -13.13 -4.58 -13.98
N ASP D 82 -13.09 -5.26 -15.15
CA ASP D 82 -14.06 -5.12 -16.24
C ASP D 82 -15.46 -5.69 -15.92
N ILE D 83 -15.55 -6.62 -14.96
CA ILE D 83 -16.80 -7.29 -14.59
C ILE D 83 -17.10 -7.22 -13.08
N TRP D 84 -18.37 -7.50 -12.73
CA TRP D 84 -18.85 -7.57 -11.34
C TRP D 84 -18.35 -8.87 -10.70
N THR D 85 -18.00 -8.81 -9.41
CA THR D 85 -17.50 -9.96 -8.65
C THR D 85 -18.19 -10.04 -7.27
N PRO D 86 -18.53 -11.25 -6.77
CA PRO D 86 -19.21 -11.35 -5.46
C PRO D 86 -18.32 -10.96 -4.28
N ASP D 87 -18.94 -10.46 -3.18
CA ASP D 87 -18.24 -9.99 -1.97
C ASP D 87 -18.09 -11.11 -0.90
N ILE D 88 -17.54 -12.27 -1.29
CA ILE D 88 -17.30 -13.40 -0.39
C ILE D 88 -16.19 -13.00 0.61
N THR D 89 -16.50 -13.08 1.92
CA THR D 89 -15.57 -12.69 2.99
C THR D 89 -15.46 -13.75 4.10
N ALA D 90 -14.25 -13.92 4.65
CA ALA D 90 -13.99 -14.82 5.77
C ALA D 90 -14.34 -14.08 7.06
N TYR D 91 -15.22 -14.65 7.87
CA TYR D 91 -15.72 -13.99 9.07
C TYR D 91 -14.74 -14.02 10.27
N SER D 92 -14.11 -15.18 10.57
CA SER D 92 -13.19 -15.32 11.72
C SER D 92 -11.72 -14.85 11.45
N SER D 93 -11.50 -13.97 10.43
CA SER D 93 -10.19 -13.43 10.06
C SER D 93 -9.61 -12.51 11.12
N THR D 94 -8.27 -12.50 11.29
CA THR D 94 -7.59 -11.63 12.26
C THR D 94 -6.81 -10.50 11.56
N ARG D 95 -6.30 -10.76 10.34
CA ARG D 95 -5.55 -9.78 9.53
C ARG D 95 -6.00 -9.82 8.06
N PRO D 96 -5.91 -8.71 7.28
CA PRO D 96 -6.38 -8.73 5.88
C PRO D 96 -5.74 -9.80 4.99
N VAL D 97 -6.54 -10.38 4.09
CA VAL D 97 -6.15 -11.45 3.16
C VAL D 97 -5.12 -10.97 2.15
N GLN D 98 -4.08 -11.78 1.93
CA GLN D 98 -3.03 -11.49 0.95
C GLN D 98 -3.32 -12.24 -0.36
N VAL D 99 -3.38 -11.52 -1.50
CA VAL D 99 -3.65 -12.13 -2.81
C VAL D 99 -2.32 -12.61 -3.42
N LEU D 100 -2.32 -13.85 -3.93
CA LEU D 100 -1.13 -14.50 -4.49
C LEU D 100 -1.30 -14.88 -5.99
N SER D 101 -2.42 -14.49 -6.62
CA SER D 101 -2.70 -14.78 -8.03
C SER D 101 -3.12 -13.50 -8.81
N PRO D 102 -2.96 -13.46 -10.17
CA PRO D 102 -3.42 -12.28 -10.93
C PRO D 102 -4.95 -12.10 -10.89
N GLN D 103 -5.38 -10.86 -11.13
CA GLN D 103 -6.78 -10.44 -11.12
C GLN D 103 -7.38 -10.59 -12.53
N ILE D 104 -7.50 -11.86 -13.00
CA ILE D 104 -8.05 -12.20 -14.32
C ILE D 104 -9.11 -13.30 -14.16
N ALA D 105 -10.20 -13.22 -14.95
CA ALA D 105 -11.28 -14.21 -14.99
C ALA D 105 -11.54 -14.64 -16.43
N VAL D 106 -12.27 -15.75 -16.64
CA VAL D 106 -12.59 -16.23 -17.99
C VAL D 106 -14.13 -16.35 -18.14
N VAL D 107 -14.68 -15.69 -19.19
CA VAL D 107 -16.10 -15.64 -19.51
C VAL D 107 -16.42 -16.52 -20.73
N THR D 108 -17.55 -17.25 -20.68
CA THR D 108 -18.03 -18.13 -21.75
C THR D 108 -19.32 -17.55 -22.38
N HIS D 109 -19.61 -17.93 -23.64
CA HIS D 109 -20.74 -17.44 -24.45
C HIS D 109 -22.13 -17.60 -23.78
N ASP D 110 -22.27 -18.56 -22.84
CA ASP D 110 -23.54 -18.77 -22.12
C ASP D 110 -23.69 -17.76 -20.97
N GLY D 111 -22.68 -16.91 -20.77
CA GLY D 111 -22.66 -15.88 -19.74
C GLY D 111 -22.10 -16.32 -18.41
N SER D 112 -21.44 -17.50 -18.37
CA SER D 112 -20.84 -18.07 -17.16
C SER D 112 -19.40 -17.53 -16.94
N VAL D 113 -19.14 -17.00 -15.73
CA VAL D 113 -17.86 -16.42 -15.33
C VAL D 113 -17.11 -17.38 -14.39
N MET D 114 -15.77 -17.47 -14.54
CA MET D 114 -14.89 -18.33 -13.73
C MET D 114 -13.75 -17.53 -13.12
N PHE D 115 -13.65 -17.52 -11.78
CA PHE D 115 -12.63 -16.77 -11.06
C PHE D 115 -11.96 -17.66 -10.01
N ILE D 116 -10.61 -17.73 -10.05
CA ILE D 116 -9.85 -18.60 -9.14
C ILE D 116 -8.76 -17.76 -8.39
N PRO D 117 -9.11 -17.15 -7.24
CA PRO D 117 -8.10 -16.34 -6.51
C PRO D 117 -7.28 -17.12 -5.47
N ALA D 118 -5.92 -16.98 -5.53
CA ALA D 118 -5.00 -17.61 -4.56
C ALA D 118 -4.83 -16.67 -3.36
N GLN D 119 -4.95 -17.21 -2.13
CA GLN D 119 -4.92 -16.40 -0.91
C GLN D 119 -4.10 -16.99 0.24
N ARG D 120 -3.67 -16.10 1.16
CA ARG D 120 -3.01 -16.44 2.41
C ARG D 120 -3.83 -15.78 3.53
N LEU D 121 -4.61 -16.60 4.26
CA LEU D 121 -5.51 -16.10 5.31
C LEU D 121 -5.06 -16.47 6.72
N SER D 122 -5.13 -15.48 7.65
CA SER D 122 -4.86 -15.67 9.08
C SER D 122 -6.20 -15.54 9.82
N PHE D 123 -6.62 -16.61 10.50
CA PHE D 123 -7.90 -16.68 11.18
C PHE D 123 -7.80 -17.19 12.64
N MET D 124 -8.90 -17.07 13.41
CA MET D 124 -9.00 -17.49 14.81
C MET D 124 -9.08 -19.02 14.90
N CYS D 125 -8.09 -19.63 15.58
CA CYS D 125 -7.97 -21.09 15.76
C CYS D 125 -7.10 -21.42 16.99
N ASP D 126 -7.67 -22.18 17.96
CA ASP D 126 -6.93 -22.63 19.14
C ASP D 126 -6.20 -23.95 18.79
N PRO D 127 -4.84 -23.95 18.79
CA PRO D 127 -4.12 -25.16 18.35
C PRO D 127 -3.68 -26.10 19.47
N THR D 128 -4.35 -26.05 20.62
CA THR D 128 -4.05 -26.89 21.79
C THR D 128 -4.30 -28.35 21.42
N GLY D 129 -3.23 -29.14 21.50
CA GLY D 129 -3.26 -30.57 21.19
C GLY D 129 -2.98 -30.95 19.75
N VAL D 130 -2.10 -30.18 19.07
CA VAL D 130 -1.72 -30.44 17.68
C VAL D 130 -0.61 -31.53 17.65
N ASP D 131 0.21 -31.59 18.73
CA ASP D 131 1.32 -32.53 18.92
C ASP D 131 0.85 -33.98 19.14
N SER D 132 -0.39 -34.15 19.66
CA SER D 132 -1.01 -35.44 19.95
C SER D 132 -1.35 -36.22 18.66
N GLU D 133 -1.56 -37.55 18.80
CA GLU D 133 -1.92 -38.45 17.70
C GLU D 133 -3.35 -38.19 17.19
N GLU D 134 -4.21 -37.64 18.06
CA GLU D 134 -5.61 -37.33 17.76
C GLU D 134 -5.72 -36.06 16.90
N GLY D 135 -4.84 -35.09 17.16
CA GLY D 135 -4.79 -33.83 16.45
C GLY D 135 -5.73 -32.77 17.02
N VAL D 136 -5.91 -31.66 16.27
CA VAL D 136 -6.76 -30.54 16.64
C VAL D 136 -7.64 -30.14 15.43
N THR D 137 -8.89 -29.69 15.68
CA THR D 137 -9.84 -29.30 14.64
C THR D 137 -10.14 -27.80 14.71
N CYS D 138 -10.20 -27.14 13.53
CA CYS D 138 -10.49 -25.70 13.39
C CYS D 138 -11.38 -25.42 12.19
N ALA D 139 -12.19 -24.33 12.27
CA ALA D 139 -13.13 -23.96 11.21
C ALA D 139 -13.16 -22.44 10.95
N VAL D 140 -13.65 -22.06 9.75
CA VAL D 140 -13.80 -20.67 9.27
C VAL D 140 -14.94 -20.61 8.21
N LYS D 141 -15.91 -19.66 8.38
CA LYS D 141 -17.07 -19.49 7.50
C LYS D 141 -16.83 -18.40 6.44
N PHE D 142 -17.15 -18.71 5.16
CA PHE D 142 -17.03 -17.79 4.02
C PHE D 142 -18.41 -17.53 3.41
N GLY D 143 -18.72 -16.25 3.15
CA GLY D 143 -19.99 -15.80 2.57
C GLY D 143 -20.03 -14.31 2.34
N SER D 144 -21.09 -13.81 1.65
CA SER D 144 -21.29 -12.37 1.36
C SER D 144 -21.43 -11.56 2.65
N TRP D 145 -20.87 -10.34 2.66
CA TRP D 145 -20.91 -9.44 3.81
C TRP D 145 -22.18 -8.55 3.76
N VAL D 146 -22.59 -8.09 2.56
CA VAL D 146 -23.73 -7.17 2.40
C VAL D 146 -25.02 -7.85 1.88
N TYR D 147 -24.91 -8.78 0.92
CA TYR D 147 -26.08 -9.44 0.33
C TYR D 147 -26.57 -10.59 1.21
N SER D 148 -27.91 -10.63 1.44
CA SER D 148 -28.61 -11.64 2.25
C SER D 148 -28.96 -12.88 1.40
N GLY D 149 -29.77 -13.77 1.96
CA GLY D 149 -30.18 -15.01 1.32
C GLY D 149 -31.08 -14.83 0.12
N PHE D 150 -31.90 -13.76 0.13
CA PHE D 150 -32.83 -13.43 -0.94
C PHE D 150 -32.12 -12.82 -2.14
N GLU D 151 -30.91 -12.28 -1.94
CA GLU D 151 -30.13 -11.65 -3.00
C GLU D 151 -29.06 -12.61 -3.54
N ILE D 152 -28.24 -13.21 -2.65
CA ILE D 152 -27.18 -14.12 -3.04
C ILE D 152 -27.30 -15.45 -2.26
N ASP D 153 -27.22 -16.58 -2.99
CA ASP D 153 -27.23 -17.95 -2.48
C ASP D 153 -25.92 -18.64 -2.88
N LEU D 154 -25.45 -19.59 -2.05
CA LEU D 154 -24.20 -20.32 -2.29
C LEU D 154 -24.44 -21.80 -2.43
N LYS D 155 -23.60 -22.48 -3.22
CA LYS D 155 -23.70 -23.93 -3.38
C LYS D 155 -22.31 -24.54 -3.57
N THR D 156 -22.17 -25.82 -3.21
CA THR D 156 -20.91 -26.56 -3.35
C THR D 156 -21.14 -27.82 -4.20
N ASP D 157 -20.23 -28.07 -5.16
CA ASP D 157 -20.31 -29.23 -6.05
C ASP D 157 -20.03 -30.53 -5.28
N THR D 158 -19.10 -30.49 -4.31
CA THR D 158 -18.72 -31.62 -3.44
C THR D 158 -18.49 -31.11 -2.01
N ASP D 159 -18.63 -31.98 -1.01
CA ASP D 159 -18.41 -31.59 0.37
C ASP D 159 -16.97 -31.89 0.83
N GLN D 160 -16.17 -32.53 -0.04
CA GLN D 160 -14.78 -32.87 0.23
C GLN D 160 -13.83 -31.86 -0.42
N VAL D 161 -12.93 -31.27 0.39
CA VAL D 161 -11.92 -30.28 -0.02
C VAL D 161 -10.82 -30.99 -0.85
N ASP D 162 -10.34 -30.34 -1.94
CA ASP D 162 -9.27 -30.89 -2.78
C ASP D 162 -7.90 -30.76 -2.10
N LEU D 163 -7.31 -31.91 -1.73
CA LEU D 163 -6.02 -31.98 -1.06
C LEU D 163 -4.94 -32.60 -1.98
N SER D 164 -5.26 -32.74 -3.28
CA SER D 164 -4.35 -33.31 -4.29
C SER D 164 -3.15 -32.40 -4.55
N SER D 165 -3.25 -31.11 -4.15
CA SER D 165 -2.19 -30.13 -4.34
C SER D 165 -1.53 -29.73 -3.00
N TYR D 166 -1.84 -30.46 -1.90
CA TYR D 166 -1.28 -30.17 -0.57
C TYR D 166 0.22 -30.50 -0.51
N TYR D 167 1.00 -29.62 0.16
CA TYR D 167 2.46 -29.70 0.33
C TYR D 167 2.86 -30.92 1.17
N ALA D 168 3.62 -31.83 0.54
CA ALA D 168 4.10 -33.10 1.09
C ALA D 168 4.98 -32.93 2.34
N SER D 169 5.99 -32.05 2.28
CA SER D 169 6.94 -31.82 3.37
C SER D 169 6.46 -30.75 4.39
N SER D 170 5.13 -30.53 4.52
CA SER D 170 4.56 -29.57 5.48
C SER D 170 4.80 -30.01 6.92
N LYS D 171 4.85 -29.03 7.85
CA LYS D 171 5.07 -29.27 9.29
C LYS D 171 3.85 -29.95 9.94
N TYR D 172 2.67 -29.87 9.27
CA TYR D 172 1.43 -30.45 9.75
C TYR D 172 0.78 -31.26 8.64
N GLU D 173 0.24 -32.45 9.00
CA GLU D 173 -0.48 -33.37 8.10
C GLU D 173 -2.02 -33.26 8.28
N ILE D 174 -2.77 -33.30 7.16
CA ILE D 174 -4.23 -33.20 7.19
C ILE D 174 -4.82 -34.57 7.47
N LEU D 175 -5.80 -34.61 8.38
CA LEU D 175 -6.52 -35.83 8.76
C LEU D 175 -7.90 -35.84 8.08
N SER D 176 -8.55 -34.65 7.96
CA SER D 176 -9.84 -34.46 7.30
C SER D 176 -10.07 -32.98 6.96
N ALA D 177 -10.66 -32.72 5.77
CA ALA D 177 -10.98 -31.37 5.30
C ALA D 177 -12.30 -31.39 4.54
N THR D 178 -13.31 -30.64 5.05
CA THR D 178 -14.67 -30.59 4.48
C THR D 178 -15.20 -29.16 4.29
N GLN D 179 -15.97 -28.97 3.19
CA GLN D 179 -16.63 -27.71 2.80
C GLN D 179 -18.14 -27.96 2.78
N THR D 180 -18.83 -27.49 3.81
CA THR D 180 -20.26 -27.73 3.93
C THR D 180 -21.04 -26.40 3.89
N ARG D 181 -22.28 -26.43 3.34
CA ARG D 181 -23.16 -25.26 3.22
C ARG D 181 -23.92 -25.01 4.54
N GLN D 182 -24.16 -23.72 4.88
CA GLN D 182 -24.86 -23.29 6.11
C GLN D 182 -25.82 -22.09 5.89
N VAL D 183 -26.93 -22.02 6.65
CA VAL D 183 -27.88 -20.90 6.64
C VAL D 183 -27.89 -20.33 8.06
N GLN D 184 -27.36 -19.12 8.24
CA GLN D 184 -27.20 -18.46 9.54
C GLN D 184 -28.24 -17.40 9.89
N HIS D 185 -28.51 -17.26 11.21
CA HIS D 185 -29.37 -16.20 11.75
C HIS D 185 -28.60 -15.34 12.75
N TYR D 186 -28.39 -14.08 12.41
CA TYR D 186 -27.63 -13.21 13.30
C TYR D 186 -28.57 -12.34 14.11
N SER D 187 -28.11 -11.94 15.32
CA SER D 187 -28.81 -11.12 16.33
C SER D 187 -29.11 -9.70 15.83
N CYS D 188 -28.34 -9.22 14.84
CA CYS D 188 -28.47 -7.91 14.22
C CYS D 188 -29.71 -7.80 13.37
N CYS D 189 -29.83 -8.75 12.44
CA CYS D 189 -30.66 -8.73 11.27
C CYS D 189 -31.68 -9.88 11.15
N PRO D 190 -32.93 -9.55 10.75
CA PRO D 190 -33.95 -10.60 10.55
C PRO D 190 -33.73 -11.43 9.29
N GLU D 191 -33.01 -10.87 8.30
CA GLU D 191 -32.70 -11.55 7.04
C GLU D 191 -31.69 -12.69 7.29
N PRO D 192 -31.91 -13.91 6.73
CA PRO D 192 -30.90 -14.98 6.92
C PRO D 192 -29.78 -14.85 5.87
N TYR D 193 -28.53 -15.18 6.25
CA TYR D 193 -27.35 -15.07 5.38
C TYR D 193 -26.70 -16.45 5.19
N ILE D 194 -26.51 -16.89 3.92
CA ILE D 194 -25.90 -18.17 3.54
C ILE D 194 -24.35 -18.06 3.51
N ASP D 195 -23.68 -19.11 4.00
CA ASP D 195 -22.23 -19.22 4.07
C ASP D 195 -21.74 -20.67 3.80
N VAL D 196 -20.42 -20.80 3.62
CA VAL D 196 -19.71 -22.07 3.41
C VAL D 196 -18.73 -22.26 4.58
N ASN D 197 -18.88 -23.37 5.29
CA ASN D 197 -18.04 -23.67 6.44
C ASN D 197 -16.89 -24.61 6.04
N LEU D 198 -15.63 -24.11 6.15
CA LEU D 198 -14.41 -24.88 5.89
C LEU D 198 -13.89 -25.44 7.23
N VAL D 199 -13.91 -26.77 7.41
CA VAL D 199 -13.49 -27.44 8.64
C VAL D 199 -12.28 -28.34 8.34
N VAL D 200 -11.17 -28.11 9.07
CA VAL D 200 -9.92 -28.83 8.90
C VAL D 200 -9.45 -29.47 10.23
N LYS D 201 -9.11 -30.77 10.16
CA LYS D 201 -8.53 -31.55 11.27
C LYS D 201 -7.09 -31.87 10.86
N PHE D 202 -6.13 -31.38 11.65
CA PHE D 202 -4.71 -31.56 11.36
C PHE D 202 -3.92 -31.97 12.61
N ARG D 203 -2.72 -32.48 12.38
CA ARG D 203 -1.79 -33.00 13.38
C ARG D 203 -0.35 -32.68 12.95
N GLU D 204 0.59 -32.59 13.91
CA GLU D 204 2.02 -32.37 13.65
C GLU D 204 2.64 -33.57 12.87
N ARG D 205 3.85 -33.37 12.27
CA ARG D 205 4.60 -34.34 11.46
C ARG D 205 3.86 -34.64 10.14
N GLN E 1 -34.10 -4.95 -13.71
CA GLN E 1 -32.66 -4.73 -13.77
C GLN E 1 -32.34 -3.32 -14.28
N ALA E 2 -33.11 -2.84 -15.26
CA ALA E 2 -32.96 -1.51 -15.87
C ALA E 2 -33.44 -0.41 -14.92
N ASN E 3 -34.43 -0.74 -14.06
CA ASN E 3 -35.00 0.19 -13.08
C ASN E 3 -33.99 0.57 -12.00
N LEU E 4 -33.14 -0.38 -11.56
CA LEU E 4 -32.10 -0.12 -10.56
C LEU E 4 -30.99 0.76 -11.13
N MET E 5 -30.69 0.57 -12.44
CA MET E 5 -29.65 1.31 -13.16
C MET E 5 -30.03 2.79 -13.28
N ARG E 6 -31.30 3.10 -13.63
CA ARG E 6 -31.77 4.47 -13.79
C ARG E 6 -31.96 5.18 -12.43
N LEU E 7 -32.19 4.42 -11.33
CA LEU E 7 -32.34 5.00 -9.99
C LEU E 7 -31.00 5.56 -9.51
N LYS E 8 -29.91 4.77 -9.70
CA LYS E 8 -28.54 5.13 -9.33
C LYS E 8 -28.05 6.32 -10.18
N SER E 9 -28.43 6.34 -11.48
CA SER E 9 -28.08 7.42 -12.41
C SER E 9 -28.77 8.73 -12.04
N ASP E 10 -30.02 8.67 -11.58
CA ASP E 10 -30.80 9.86 -11.18
C ASP E 10 -30.32 10.44 -9.84
N LEU E 11 -29.84 9.58 -8.93
CA LEU E 11 -29.39 10.00 -7.60
C LEU E 11 -27.96 10.54 -7.60
N PHE E 12 -27.01 9.83 -8.24
CA PHE E 12 -25.60 10.20 -8.21
C PHE E 12 -25.12 11.02 -9.42
N ASN E 13 -25.33 10.51 -10.66
CA ASN E 13 -24.86 11.15 -11.88
C ASN E 13 -25.56 12.48 -12.21
N ARG E 14 -26.85 12.63 -11.85
CA ARG E 14 -27.62 13.84 -12.11
C ARG E 14 -27.39 14.94 -11.06
N SER E 15 -27.66 14.62 -9.78
CA SER E 15 -27.55 15.56 -8.65
C SER E 15 -26.10 15.70 -8.13
N PRO E 16 -25.65 16.90 -7.67
CA PRO E 16 -24.28 17.03 -7.13
C PRO E 16 -24.16 16.38 -5.75
N MET E 17 -22.97 15.84 -5.41
CA MET E 17 -22.75 15.13 -4.14
C MET E 17 -22.83 16.04 -2.91
N TYR E 18 -23.29 15.44 -1.78
CA TYR E 18 -23.48 16.04 -0.46
C TYR E 18 -22.16 16.63 0.07
N PRO E 19 -22.15 17.91 0.51
CA PRO E 19 -20.89 18.52 0.96
C PRO E 19 -20.65 18.45 2.47
N GLY E 20 -21.27 17.47 3.13
CA GLY E 20 -21.15 17.30 4.58
C GLY E 20 -22.17 18.10 5.36
N PRO E 21 -22.36 17.81 6.67
CA PRO E 21 -23.34 18.58 7.45
C PRO E 21 -22.84 19.94 7.89
N THR E 22 -23.79 20.90 8.01
CA THR E 22 -23.58 22.29 8.45
C THR E 22 -24.16 22.46 9.85
N LYS E 23 -23.89 23.62 10.49
CA LYS E 23 -24.46 23.95 11.80
C LYS E 23 -25.96 24.24 11.64
N ASP E 24 -26.38 24.60 10.41
CA ASP E 24 -27.76 24.89 10.01
C ASP E 24 -28.50 23.61 9.64
N ASP E 25 -27.75 22.60 9.11
CA ASP E 25 -28.31 21.30 8.70
C ASP E 25 -27.48 20.16 9.35
N PRO E 26 -27.65 19.91 10.67
CA PRO E 26 -26.83 18.88 11.33
C PRO E 26 -27.26 17.46 11.02
N LEU E 27 -26.42 16.50 11.44
CA LEU E 27 -26.62 15.07 11.25
C LEU E 27 -26.46 14.29 12.55
N THR E 28 -27.19 13.16 12.67
CA THR E 28 -27.09 12.29 13.84
C THR E 28 -26.71 10.87 13.38
N VAL E 29 -25.57 10.37 13.89
CA VAL E 29 -25.02 9.07 13.54
C VAL E 29 -25.22 8.08 14.70
N THR E 30 -25.89 6.95 14.40
CA THR E 30 -26.13 5.89 15.38
C THR E 30 -24.95 4.93 15.33
N LEU E 31 -24.44 4.54 16.50
CA LEU E 31 -23.32 3.62 16.57
C LEU E 31 -23.62 2.41 17.46
N GLY E 32 -22.76 1.41 17.38
CA GLY E 32 -22.88 0.15 18.10
C GLY E 32 -21.81 -0.83 17.70
N PHE E 33 -21.23 -1.52 18.69
CA PHE E 33 -20.13 -2.45 18.49
C PHE E 33 -20.51 -3.91 18.70
N THR E 34 -19.79 -4.78 17.98
CA THR E 34 -19.87 -6.24 18.06
C THR E 34 -18.44 -6.77 18.27
N LEU E 35 -18.08 -7.12 19.52
CA LEU E 35 -16.74 -7.61 19.85
C LEU E 35 -16.61 -9.09 19.50
N GLN E 36 -15.53 -9.42 18.76
CA GLN E 36 -15.24 -10.77 18.27
C GLN E 36 -14.05 -11.41 18.99
N ASP E 37 -12.94 -10.66 19.25
CA ASP E 37 -11.74 -11.20 19.91
C ASP E 37 -10.77 -10.16 20.44
N ILE E 38 -10.03 -10.53 21.51
CA ILE E 38 -8.89 -9.83 22.11
C ILE E 38 -7.73 -10.75 21.72
N VAL E 39 -7.13 -10.46 20.56
CA VAL E 39 -6.12 -11.29 19.93
C VAL E 39 -4.72 -11.15 20.60
N LYS E 40 -4.22 -9.91 20.84
CA LYS E 40 -2.89 -9.74 21.42
C LYS E 40 -2.88 -8.73 22.58
N VAL E 41 -1.96 -8.92 23.55
CA VAL E 41 -1.73 -8.07 24.72
C VAL E 41 -0.20 -7.90 24.89
N ASP E 42 0.30 -6.65 24.79
CA ASP E 42 1.74 -6.37 24.93
C ASP E 42 2.00 -5.57 26.19
N SER E 43 2.72 -6.19 27.13
CA SER E 43 3.06 -5.62 28.43
C SER E 43 4.23 -4.64 28.38
N SER E 44 5.19 -4.88 27.45
CA SER E 44 6.39 -4.06 27.30
C SER E 44 6.12 -2.67 26.67
N THR E 45 4.99 -2.50 25.94
CA THR E 45 4.65 -1.22 25.29
C THR E 45 3.26 -0.69 25.69
N ASN E 46 2.47 -1.51 26.42
CA ASN E 46 1.11 -1.22 26.89
C ASN E 46 0.16 -0.91 25.72
N GLU E 47 0.03 -1.87 24.78
CA GLU E 47 -0.87 -1.76 23.64
C GLU E 47 -1.57 -3.10 23.39
N VAL E 48 -2.91 -3.05 23.28
CA VAL E 48 -3.79 -4.21 23.12
C VAL E 48 -4.52 -4.14 21.76
N ASP E 49 -4.68 -5.31 21.10
CA ASP E 49 -5.31 -5.48 19.79
C ASP E 49 -6.69 -6.13 19.89
N LEU E 50 -7.70 -5.54 19.22
CA LEU E 50 -9.09 -6.02 19.19
C LEU E 50 -9.57 -6.28 17.76
N VAL E 51 -10.43 -7.29 17.58
CA VAL E 51 -11.09 -7.64 16.32
C VAL E 51 -12.60 -7.45 16.57
N TYR E 52 -13.26 -6.59 15.77
CA TYR E 52 -14.69 -6.25 15.93
C TYR E 52 -15.28 -5.65 14.64
N TYR E 53 -16.61 -5.41 14.65
CA TYR E 53 -17.32 -4.72 13.58
C TYR E 53 -18.31 -3.70 14.19
N GLU E 54 -18.16 -2.45 13.73
CA GLU E 54 -18.88 -1.23 14.11
C GLU E 54 -20.15 -1.03 13.27
N GLN E 55 -21.11 -0.25 13.79
CA GLN E 55 -22.33 0.08 13.09
C GLN E 55 -22.32 1.59 12.80
N GLN E 56 -22.48 1.95 11.51
CA GLN E 56 -22.53 3.35 11.02
C GLN E 56 -23.86 3.56 10.26
N ARG E 57 -24.85 4.20 10.93
CA ARG E 57 -26.20 4.45 10.42
C ARG E 57 -26.57 5.95 10.52
N TRP E 58 -27.13 6.52 9.42
CA TRP E 58 -27.58 7.91 9.32
C TRP E 58 -28.64 8.09 8.20
N LYS E 59 -29.27 9.27 8.12
CA LYS E 59 -30.30 9.54 7.12
C LYS E 59 -30.03 10.85 6.37
N LEU E 60 -30.29 10.84 5.05
CA LEU E 60 -30.09 11.99 4.16
C LEU E 60 -31.33 12.21 3.30
N ASN E 61 -31.79 13.47 3.20
CA ASN E 61 -32.96 13.83 2.41
C ASN E 61 -32.70 13.72 0.91
N SER E 62 -31.42 13.88 0.51
CA SER E 62 -30.99 13.78 -0.88
C SER E 62 -31.11 12.33 -1.44
N LEU E 63 -30.96 11.32 -0.57
CA LEU E 63 -31.00 9.91 -0.94
C LEU E 63 -32.43 9.30 -0.85
N MET E 64 -33.46 10.14 -0.67
CA MET E 64 -34.85 9.67 -0.61
C MET E 64 -35.42 9.45 -2.00
N TRP E 65 -36.30 8.44 -2.16
CA TRP E 65 -36.95 8.12 -3.44
C TRP E 65 -38.31 7.42 -3.23
N ASP E 66 -39.17 7.48 -4.27
CA ASP E 66 -40.48 6.81 -4.29
C ASP E 66 -40.32 5.43 -4.94
N PRO E 67 -40.65 4.33 -4.23
CA PRO E 67 -40.46 2.99 -4.79
C PRO E 67 -41.34 2.67 -6.01
N ASN E 68 -42.59 3.19 -6.04
CA ASN E 68 -43.54 2.96 -7.14
C ASN E 68 -43.05 3.52 -8.48
N GLU E 69 -42.31 4.64 -8.46
CA GLU E 69 -41.77 5.30 -9.66
C GLU E 69 -40.60 4.51 -10.27
N TYR E 70 -39.91 3.69 -9.47
CA TYR E 70 -38.75 2.92 -9.91
C TYR E 70 -38.96 1.39 -9.85
N GLY E 71 -40.22 0.96 -9.97
CA GLY E 71 -40.57 -0.47 -9.98
C GLY E 71 -40.41 -1.23 -8.67
N ASN E 72 -41.08 -0.73 -7.61
CA ASN E 72 -41.15 -1.29 -6.25
C ASN E 72 -39.76 -1.59 -5.61
N ILE E 73 -38.75 -0.73 -5.86
CA ILE E 73 -37.42 -0.89 -5.24
C ILE E 73 -37.44 -0.20 -3.88
N THR E 74 -37.24 -0.98 -2.81
CA THR E 74 -37.23 -0.51 -1.42
C THR E 74 -35.81 -0.13 -0.95
N ASP E 75 -34.79 -0.91 -1.37
CA ASP E 75 -33.40 -0.70 -1.00
C ASP E 75 -32.43 -1.21 -2.08
N PHE E 76 -31.12 -0.89 -1.93
CA PHE E 76 -30.05 -1.32 -2.85
C PHE E 76 -28.67 -1.16 -2.21
N ARG E 77 -27.73 -2.04 -2.59
CA ARG E 77 -26.34 -2.01 -2.16
C ARG E 77 -25.51 -1.18 -3.14
N THR E 78 -24.57 -0.36 -2.62
CA THR E 78 -23.70 0.50 -3.45
C THR E 78 -22.33 0.68 -2.78
N SER E 79 -21.30 0.98 -3.60
CA SER E 79 -19.93 1.22 -3.12
C SER E 79 -19.89 2.43 -2.20
N ALA E 80 -19.02 2.38 -1.19
CA ALA E 80 -18.85 3.46 -0.21
C ALA E 80 -18.30 4.75 -0.84
N ALA E 81 -17.69 4.64 -2.05
CA ALA E 81 -17.13 5.76 -2.78
C ALA E 81 -18.23 6.65 -3.39
N ASP E 82 -19.37 6.04 -3.73
CA ASP E 82 -20.52 6.71 -4.36
C ASP E 82 -21.27 7.66 -3.41
N ILE E 83 -21.14 7.46 -2.09
CA ILE E 83 -21.84 8.26 -1.08
C ILE E 83 -20.90 8.87 -0.02
N TRP E 84 -21.40 9.87 0.73
CA TRP E 84 -20.67 10.51 1.82
C TRP E 84 -20.68 9.59 3.04
N THR E 85 -19.56 9.57 3.79
CA THR E 85 -19.38 8.74 4.99
C THR E 85 -18.79 9.56 6.14
N PRO E 86 -19.26 9.35 7.41
CA PRO E 86 -18.71 10.13 8.55
C PRO E 86 -17.25 9.79 8.89
N ASP E 87 -16.52 10.78 9.46
CA ASP E 87 -15.10 10.65 9.81
C ASP E 87 -14.91 10.18 11.28
N ILE E 88 -15.55 9.06 11.67
CA ILE E 88 -15.45 8.48 13.02
C ILE E 88 -14.04 7.90 13.19
N THR E 89 -13.31 8.38 14.23
CA THR E 89 -11.93 7.99 14.50
C THR E 89 -11.70 7.59 15.96
N ALA E 90 -10.87 6.55 16.17
CA ALA E 90 -10.47 6.10 17.51
C ALA E 90 -9.32 7.01 17.96
N TYR E 91 -9.47 7.64 19.13
CA TYR E 91 -8.51 8.62 19.60
C TYR E 91 -7.22 8.00 20.20
N SER E 92 -7.35 6.98 21.07
CA SER E 92 -6.20 6.35 21.75
C SER E 92 -5.46 5.26 20.90
N SER E 93 -5.60 5.27 19.56
CA SER E 93 -4.95 4.33 18.62
C SER E 93 -3.42 4.52 18.59
N THR E 94 -2.66 3.42 18.40
CA THR E 94 -1.19 3.46 18.32
C THR E 94 -0.71 3.19 16.89
N ARG E 95 -1.46 2.37 16.12
CA ARG E 95 -1.15 2.02 14.73
C ARG E 95 -2.42 2.08 13.86
N PRO E 96 -2.30 2.42 12.53
CA PRO E 96 -3.51 2.58 11.70
C PRO E 96 -4.39 1.34 11.63
N VAL E 97 -5.71 1.56 11.59
CA VAL E 97 -6.75 0.52 11.59
C VAL E 97 -6.70 -0.28 10.31
N GLN E 98 -6.80 -1.61 10.44
CA GLN E 98 -6.82 -2.57 9.32
C GLN E 98 -8.26 -2.95 8.99
N VAL E 99 -8.69 -2.76 7.73
CA VAL E 99 -10.07 -3.08 7.30
C VAL E 99 -10.15 -4.58 6.93
N LEU E 100 -11.18 -5.27 7.43
CA LEU E 100 -11.38 -6.70 7.22
C LEU E 100 -12.72 -7.04 6.48
N SER E 101 -13.45 -6.00 6.02
CA SER E 101 -14.72 -6.17 5.29
C SER E 101 -14.76 -5.33 3.98
N PRO E 102 -15.60 -5.71 2.97
CA PRO E 102 -15.70 -4.89 1.74
C PRO E 102 -16.27 -3.48 2.02
N GLN E 103 -15.93 -2.51 1.15
CA GLN E 103 -16.36 -1.11 1.32
C GLN E 103 -17.69 -0.84 0.57
N ILE E 104 -18.75 -1.55 0.98
CA ILE E 104 -20.11 -1.47 0.42
C ILE E 104 -21.08 -1.08 1.54
N ALA E 105 -22.09 -0.28 1.20
CA ALA E 105 -23.15 0.15 2.11
C ALA E 105 -24.51 -0.10 1.47
N VAL E 106 -25.57 -0.06 2.26
CA VAL E 106 -26.91 -0.29 1.74
C VAL E 106 -27.80 0.93 2.08
N VAL E 107 -28.48 1.44 1.04
CA VAL E 107 -29.35 2.61 1.13
C VAL E 107 -30.82 2.18 0.98
N THR E 108 -31.72 2.79 1.78
CA THR E 108 -33.16 2.53 1.78
C THR E 108 -33.90 3.78 1.25
N HIS E 109 -35.13 3.58 0.71
CA HIS E 109 -35.98 4.60 0.09
C HIS E 109 -36.25 5.84 0.98
N ASP E 110 -36.18 5.68 2.32
CA ASP E 110 -36.39 6.78 3.27
C ASP E 110 -35.13 7.66 3.40
N GLY E 111 -34.05 7.27 2.70
CA GLY E 111 -32.77 7.97 2.69
C GLY E 111 -31.81 7.54 3.77
N SER E 112 -32.10 6.42 4.46
CA SER E 112 -31.27 5.87 5.54
C SER E 112 -30.15 4.97 4.98
N VAL E 113 -28.91 5.27 5.39
CA VAL E 113 -27.71 4.54 4.94
C VAL E 113 -27.22 3.63 6.07
N MET E 114 -26.80 2.39 5.70
CA MET E 114 -26.27 1.41 6.64
C MET E 114 -24.90 0.92 6.18
N PHE E 115 -23.87 1.15 7.01
CA PHE E 115 -22.50 0.75 6.71
C PHE E 115 -21.88 0.03 7.91
N ILE E 116 -21.41 -1.22 7.71
CA ILE E 116 -20.87 -2.03 8.81
C ILE E 116 -19.40 -2.44 8.50
N PRO E 117 -18.42 -1.65 8.97
CA PRO E 117 -17.00 -1.98 8.70
C PRO E 117 -16.33 -2.90 9.73
N ALA E 118 -15.61 -3.93 9.23
CA ALA E 118 -14.84 -4.87 10.05
C ALA E 118 -13.42 -4.34 10.25
N GLN E 119 -12.93 -4.30 11.50
CA GLN E 119 -11.64 -3.71 11.83
C GLN E 119 -10.78 -4.50 12.83
N ARG E 120 -9.45 -4.26 12.79
CA ARG E 120 -8.43 -4.74 13.72
C ARG E 120 -7.70 -3.50 14.24
N LEU E 121 -8.01 -3.08 15.49
CA LEU E 121 -7.47 -1.87 16.09
C LEU E 121 -6.48 -2.14 17.22
N SER E 122 -5.33 -1.44 17.19
CA SER E 122 -4.32 -1.45 18.24
C SER E 122 -4.41 -0.11 18.96
N PHE E 123 -4.68 -0.13 20.30
CA PHE E 123 -4.85 1.08 21.12
C PHE E 123 -4.06 1.03 22.45
N MET E 124 -3.99 2.19 23.14
CA MET E 124 -3.30 2.35 24.43
C MET E 124 -4.10 1.71 25.55
N CYS E 125 -3.48 0.71 26.22
CA CYS E 125 -4.11 -0.05 27.32
C CYS E 125 -3.03 -0.71 28.20
N ASP E 126 -3.03 -0.42 29.51
CA ASP E 126 -2.10 -1.03 30.47
C ASP E 126 -2.72 -2.35 30.96
N PRO E 127 -2.09 -3.52 30.66
CA PRO E 127 -2.70 -4.80 31.01
C PRO E 127 -2.22 -5.41 32.33
N THR E 128 -1.70 -4.58 33.25
CA THR E 128 -1.22 -5.00 34.55
C THR E 128 -2.39 -5.56 35.37
N GLY E 129 -2.28 -6.84 35.74
CA GLY E 129 -3.29 -7.56 36.51
C GLY E 129 -4.33 -8.28 35.69
N VAL E 130 -3.96 -8.80 34.50
CA VAL E 130 -4.85 -9.56 33.63
C VAL E 130 -4.94 -11.02 34.13
N ASP E 131 -3.85 -11.52 34.76
CA ASP E 131 -3.70 -12.87 35.31
C ASP E 131 -4.56 -13.13 36.55
N SER E 132 -4.89 -12.08 37.33
CA SER E 132 -5.70 -12.20 38.55
C SER E 132 -7.17 -12.55 38.21
N GLU E 133 -7.95 -12.95 39.23
CA GLU E 133 -9.37 -13.31 39.12
C GLU E 133 -10.24 -12.07 38.88
N GLU E 134 -9.77 -10.90 39.33
CA GLU E 134 -10.47 -9.62 39.21
C GLU E 134 -10.41 -9.08 37.78
N GLY E 135 -9.28 -9.28 37.11
CA GLY E 135 -9.04 -8.84 35.74
C GLY E 135 -8.53 -7.43 35.64
N VAL E 136 -8.53 -6.88 34.40
CA VAL E 136 -8.06 -5.52 34.09
C VAL E 136 -9.11 -4.83 33.18
N THR E 137 -9.27 -3.51 33.35
CA THR E 137 -10.24 -2.72 32.57
C THR E 137 -9.52 -1.71 31.66
N CYS E 138 -10.02 -1.55 30.41
CA CYS E 138 -9.47 -0.62 29.42
C CYS E 138 -10.57 0.03 28.59
N ALA E 139 -10.31 1.26 28.10
CA ALA E 139 -11.28 2.03 27.33
C ALA E 139 -10.67 2.73 26.11
N VAL E 140 -11.54 3.12 25.15
CA VAL E 140 -11.22 3.81 23.90
C VAL E 140 -12.41 4.67 23.45
N LYS E 141 -12.13 5.92 23.05
CA LYS E 141 -13.14 6.87 22.59
C LYS E 141 -13.19 6.93 21.08
N PHE E 142 -14.41 6.87 20.53
CA PHE E 142 -14.66 6.97 19.08
C PHE E 142 -15.54 8.18 18.77
N GLY E 143 -15.21 8.92 17.72
CA GLY E 143 -15.94 10.11 17.28
C GLY E 143 -15.30 10.87 16.13
N SER E 144 -16.02 11.87 15.59
CA SER E 144 -15.54 12.70 14.47
C SER E 144 -14.29 13.49 14.85
N TRP E 145 -13.35 13.61 13.90
CA TRP E 145 -12.09 14.31 14.09
C TRP E 145 -12.24 15.82 13.77
N VAL E 146 -13.02 16.16 12.71
CA VAL E 146 -13.19 17.55 12.25
C VAL E 146 -14.53 18.18 12.65
N TYR E 147 -15.64 17.43 12.57
CA TYR E 147 -16.97 17.99 12.89
C TYR E 147 -17.22 18.01 14.40
N SER E 148 -17.74 19.17 14.89
CA SER E 148 -18.05 19.40 16.31
C SER E 148 -19.46 18.87 16.66
N GLY E 149 -19.97 19.28 17.82
CA GLY E 149 -21.29 18.86 18.29
C GLY E 149 -22.44 19.47 17.52
N PHE E 150 -22.24 20.69 16.97
CA PHE E 150 -23.26 21.42 16.21
C PHE E 150 -23.44 20.88 14.79
N GLU E 151 -22.47 20.11 14.27
CA GLU E 151 -22.53 19.55 12.91
C GLU E 151 -22.86 18.04 12.92
N ILE E 152 -22.26 17.26 13.85
CA ILE E 152 -22.49 15.81 14.00
C ILE E 152 -22.76 15.46 15.49
N ASP E 153 -23.88 14.76 15.72
CA ASP E 153 -24.29 14.25 17.02
C ASP E 153 -24.30 12.72 16.95
N LEU E 154 -23.87 12.06 18.03
CA LEU E 154 -23.83 10.59 18.08
C LEU E 154 -24.83 10.03 19.07
N LYS E 155 -25.44 8.88 18.74
CA LYS E 155 -26.39 8.21 19.64
C LYS E 155 -26.18 6.69 19.59
N THR E 156 -26.56 5.98 20.66
CA THR E 156 -26.43 4.53 20.75
C THR E 156 -27.80 3.92 21.05
N ASP E 157 -28.16 2.83 20.34
CA ASP E 157 -29.45 2.14 20.50
C ASP E 157 -29.50 1.40 21.86
N THR E 158 -28.36 0.84 22.31
CA THR E 158 -28.20 0.16 23.59
C THR E 158 -26.84 0.49 24.19
N ASP E 159 -26.69 0.38 25.51
CA ASP E 159 -25.42 0.68 26.17
C ASP E 159 -24.59 -0.59 26.37
N GLN E 160 -25.16 -1.76 26.02
CA GLN E 160 -24.48 -3.06 26.13
C GLN E 160 -23.93 -3.51 24.78
N VAL E 161 -22.61 -3.83 24.75
CA VAL E 161 -21.89 -4.30 23.56
C VAL E 161 -22.31 -5.75 23.24
N ASP E 162 -22.48 -6.09 21.94
CA ASP E 162 -22.88 -7.44 21.53
C ASP E 162 -21.69 -8.40 21.58
N LEU E 163 -21.77 -9.37 22.52
CA LEU E 163 -20.72 -10.37 22.75
C LEU E 163 -21.19 -11.78 22.32
N SER E 164 -22.33 -11.86 21.61
CA SER E 164 -22.91 -13.13 21.13
C SER E 164 -22.03 -13.76 20.02
N SER E 165 -21.15 -12.96 19.41
CA SER E 165 -20.25 -13.40 18.34
C SER E 165 -18.78 -13.46 18.80
N TYR E 166 -18.54 -13.34 20.14
CA TYR E 166 -17.19 -13.40 20.70
C TYR E 166 -16.62 -14.84 20.61
N TYR E 167 -15.30 -14.94 20.28
CA TYR E 167 -14.55 -16.18 20.11
C TYR E 167 -14.42 -16.96 21.43
N ALA E 168 -15.01 -18.16 21.45
CA ALA E 168 -15.07 -19.09 22.58
C ALA E 168 -13.69 -19.53 23.09
N SER E 169 -12.79 -19.96 22.18
CA SER E 169 -11.46 -20.44 22.54
C SER E 169 -10.38 -19.33 22.61
N SER E 170 -10.79 -18.06 22.88
CA SER E 170 -9.88 -16.93 23.01
C SER E 170 -9.00 -17.06 24.27
N LYS E 171 -7.81 -16.42 24.24
CA LYS E 171 -6.85 -16.43 25.36
C LYS E 171 -7.35 -15.58 26.54
N TYR E 172 -8.30 -14.66 26.28
CA TYR E 172 -8.88 -13.75 27.27
C TYR E 172 -10.40 -13.78 27.25
N GLU E 173 -11.05 -13.93 28.43
CA GLU E 173 -12.51 -13.96 28.57
C GLU E 173 -13.04 -12.60 29.05
N ILE E 174 -14.18 -12.16 28.46
CA ILE E 174 -14.80 -10.86 28.77
C ILE E 174 -15.65 -10.99 30.03
N LEU E 175 -15.51 -9.98 30.91
CA LEU E 175 -16.25 -9.89 32.17
C LEU E 175 -17.39 -8.86 32.03
N SER E 176 -17.14 -7.77 31.28
CA SER E 176 -18.12 -6.70 30.99
C SER E 176 -17.65 -5.83 29.81
N ALA E 177 -18.60 -5.43 28.95
CA ALA E 177 -18.36 -4.58 27.78
C ALA E 177 -19.53 -3.61 27.56
N THR E 178 -19.25 -2.28 27.64
CA THR E 178 -20.26 -1.22 27.50
C THR E 178 -19.87 -0.10 26.51
N GLN E 179 -20.88 0.43 25.79
CA GLN E 179 -20.77 1.52 24.81
C GLN E 179 -21.63 2.69 25.30
N THR E 180 -20.98 3.76 25.81
CA THR E 180 -21.69 4.91 26.38
C THR E 180 -21.30 6.25 25.72
N ARG E 181 -22.33 7.11 25.48
CA ARG E 181 -22.21 8.43 24.86
C ARG E 181 -21.63 9.45 25.84
N GLN E 182 -20.68 10.27 25.36
CA GLN E 182 -19.98 11.31 26.12
C GLN E 182 -19.89 12.63 25.33
N VAL E 183 -19.79 13.77 26.05
CA VAL E 183 -19.62 15.11 25.47
C VAL E 183 -18.31 15.68 26.00
N GLN E 184 -17.32 15.85 25.12
CA GLN E 184 -16.00 16.35 25.50
C GLN E 184 -15.86 17.85 25.31
N HIS E 185 -14.92 18.45 26.04
CA HIS E 185 -14.55 19.85 25.96
C HIS E 185 -13.04 19.94 25.94
N TYR E 186 -12.49 20.25 24.75
CA TYR E 186 -11.03 20.31 24.56
C TYR E 186 -10.53 21.76 24.72
N SER E 187 -9.28 21.92 25.18
CA SER E 187 -8.62 23.19 25.45
C SER E 187 -8.40 24.03 24.17
N CYS E 188 -8.28 23.36 23.02
CA CYS E 188 -8.06 23.91 21.68
C CYS E 188 -9.16 24.81 21.22
N CYS E 189 -10.37 24.28 21.33
CA CYS E 189 -11.58 24.72 20.68
C CYS E 189 -12.72 24.90 21.68
N PRO E 190 -13.45 26.05 21.62
CA PRO E 190 -14.58 26.25 22.54
C PRO E 190 -15.76 25.34 22.26
N GLU E 191 -15.87 24.87 20.99
CA GLU E 191 -16.91 23.97 20.50
C GLU E 191 -16.80 22.58 21.14
N PRO E 192 -17.92 21.97 21.60
CA PRO E 192 -17.82 20.62 22.18
C PRO E 192 -17.77 19.54 21.10
N TYR E 193 -17.21 18.36 21.43
CA TYR E 193 -17.08 17.24 20.50
C TYR E 193 -17.65 15.98 21.16
N ILE E 194 -18.75 15.46 20.59
CA ILE E 194 -19.46 14.27 21.11
C ILE E 194 -18.72 12.98 20.69
N ASP E 195 -18.63 12.01 21.63
CA ASP E 195 -17.98 10.71 21.43
C ASP E 195 -18.73 9.57 22.14
N VAL E 196 -18.34 8.31 21.84
CA VAL E 196 -18.87 7.08 22.41
C VAL E 196 -17.67 6.32 23.03
N ASN E 197 -17.75 6.02 24.34
CA ASN E 197 -16.71 5.33 25.11
C ASN E 197 -16.92 3.82 25.14
N LEU E 198 -15.94 3.06 24.61
CA LEU E 198 -15.96 1.61 24.56
C LEU E 198 -15.14 1.11 25.74
N VAL E 199 -15.79 0.58 26.78
CA VAL E 199 -15.11 0.11 28.00
C VAL E 199 -15.23 -1.41 28.11
N VAL E 200 -14.08 -2.09 28.20
CA VAL E 200 -13.99 -3.55 28.27
C VAL E 200 -13.19 -4.00 29.52
N LYS E 201 -13.78 -4.95 30.30
CA LYS E 201 -13.17 -5.59 31.46
C LYS E 201 -12.93 -7.05 31.08
N PHE E 202 -11.66 -7.47 31.06
CA PHE E 202 -11.27 -8.82 30.65
C PHE E 202 -10.25 -9.44 31.61
N ARG E 203 -10.11 -10.76 31.53
CA ARG E 203 -9.25 -11.59 32.35
C ARG E 203 -8.66 -12.72 31.50
N GLU E 204 -7.46 -13.20 31.86
CA GLU E 204 -6.73 -14.31 31.24
C GLU E 204 -7.51 -15.65 31.34
N ARG E 205 -7.27 -16.57 30.36
CA ARG E 205 -7.86 -17.91 30.17
C ARG E 205 -9.37 -17.89 30.30
C3 V63 F . 21.22 18.62 -0.55
C11 V63 F . 22.41 19.62 -2.87
C1 V63 F . 21.15 20.08 -2.47
C13 V63 F . 18.79 20.23 3.21
C5 V63 F . 19.19 20.07 -0.89
C10 V63 F . 16.54 18.86 1.44
C7 V63 F . 23.06 18.66 -2.10
C8 V63 F . 17.43 21.26 1.39
C6 V63 F . 17.58 21.11 2.90
C2 V63 F . 22.47 18.14 -0.95
C12 V63 F . 18.26 18.81 3.24
C4 V63 F . 16.77 18.94 2.95
C14 V63 F . 20.55 19.59 -1.31
C80 V63 F . 17.27 19.94 0.63
O15 V63 F . 18.62 20.97 -1.49
N V63 F . 16.43 20.31 3.35
O17 V63 F . 18.55 19.43 0.26
S SO4 G . -29.06 27.09 1.90
O1 SO4 G . -29.66 28.41 2.09
O2 SO4 G . -29.74 26.12 2.75
O3 SO4 G . -29.19 26.69 0.49
O4 SO4 G . -27.63 27.15 2.26
CL CL H . -8.70 9.50 5.25
C3 V63 I . 19.23 -8.97 -18.96
C11 V63 I . 18.25 -9.78 -21.45
C1 V63 I . 18.12 -8.44 -21.05
C13 V63 I . 21.48 -5.56 -16.67
C5 V63 I . 18.49 -6.60 -19.36
C10 V63 I . 18.49 -4.65 -16.24
C7 V63 I . 18.86 -10.70 -20.59
C8 V63 I . 20.09 -4.19 -18.20
C6 V63 I . 21.17 -4.14 -17.13
C2 V63 I . 19.36 -10.29 -19.36
C12 V63 I . 20.55 -5.80 -15.49
C4 V63 I . 19.73 -4.52 -15.35
C14 V63 I . 18.62 -8.03 -19.80
C80 V63 I . 18.80 -4.86 -17.72
O15 V63 I . 18.09 -5.74 -20.14
N V63 I . 20.58 -3.47 -15.94
O17 V63 I . 18.85 -6.25 -17.99
S SO4 J . 35.53 0.58 -20.79
O1 SO4 J . 35.19 0.80 -19.38
O2 SO4 J . 34.95 -0.67 -21.26
O3 SO4 J . 35.02 1.69 -21.60
O4 SO4 J . 36.96 0.51 -20.90
CL CL K . 4.72 13.45 -1.40
CL CL L . 20.91 11.25 20.84
C3 V63 M . -9.02 -24.97 -10.79
C11 V63 M . -11.76 -24.77 -11.31
C1 V63 M . -10.85 -24.06 -12.10
C13 V63 M . -4.58 -24.73 -12.36
C5 V63 M . -8.49 -23.39 -12.67
C10 V63 M . -5.29 -21.66 -12.03
C7 V63 M . -11.30 -25.58 -10.27
C8 V63 M . -5.69 -23.23 -14.02
C6 V63 M . -4.36 -23.87 -13.60
C2 V63 M . -9.93 -25.68 -10.00
C12 V63 M . -4.34 -23.81 -11.19
C4 V63 M . -4.00 -22.45 -11.82
C14 V63 M . -9.48 -24.16 -11.84
C80 V63 M . -6.31 -22.36 -12.93
O15 V63 M . -8.81 -22.97 -13.76
N V63 M . -3.47 -22.79 -13.15
O17 V63 M . -7.17 -23.16 -12.12
CL CL N . 7.90 1.93 -11.50
C3 V63 O . -24.65 -5.64 11.87
C11 V63 O . -26.80 -3.90 12.21
C1 V63 O . -26.57 -4.49 10.96
C13 V63 O . -23.89 -9.87 9.73
C5 V63 O . -25.23 -5.99 9.46
C10 V63 O . -22.35 -7.78 7.91
C7 V63 O . -25.95 -4.18 13.28
C8 V63 O . -24.79 -8.59 7.80
C6 V63 O . -24.23 -9.95 8.24
C2 V63 O . -24.87 -5.04 13.10
C12 V63 O . -22.45 -9.40 9.81
C4 V63 O . -22.04 -9.22 8.34
C14 V63 O . -25.49 -5.36 10.79
C80 V63 O . -23.83 -7.41 8.02
O15 V63 O . -25.99 -5.80 8.52
N V63 O . -22.93 -10.11 7.58
O17 V63 O . -24.05 -6.84 9.31
CL CL P . -2.96 -9.06 -11.74
C3 V63 Q . -6.28 20.96 18.09
C11 V63 Q . -5.99 23.66 17.42
C1 V63 Q . -7.02 22.89 16.86
C13 V63 Q . -9.60 17.80 19.18
C5 V63 Q . -8.28 20.73 16.59
C10 V63 Q . -9.00 17.12 16.15
C7 V63 Q . -5.09 23.06 18.32
C8 V63 Q . -10.66 18.79 17.16
C6 V63 Q . -10.82 17.75 18.27
C2 V63 Q . -5.24 21.71 18.65
C12 V63 Q . -8.63 16.79 18.59
C4 V63 Q . -9.33 16.24 17.36
C14 V63 Q . -7.16 21.55 17.19
C80 V63 Q . -9.41 18.59 16.30
O15 V63 Q . -9.13 21.24 15.89
N V63 Q . -10.77 16.42 17.63
O17 V63 Q . -8.31 19.30 16.88
CL CL R . -13.20 -3.62 -0.84
#